data_9CM8
#
_entry.id   9CM8
#
_cell.length_a   45.816
_cell.length_b   81.763
_cell.length_c   107.722
_cell.angle_alpha   90.00
_cell.angle_beta   97.14
_cell.angle_gamma   90.00
#
_symmetry.space_group_name_H-M   'P 1 21 1'
#
loop_
_entity.id
_entity.type
_entity.pdbx_description
1 polymer 'UDP-N-acetylglucosamine 2-epimerase (non-hydrolyzing)'
2 non-polymer DI(HYDROXYETHYL)ETHER
3 water water
#
_entity_poly.entity_id   1
_entity_poly.type   'polypeptide(L)'
_entity_poly.pdbx_seq_one_letter_code
;MSKVKVMTVFGVRPEAIKMAPLILELQKHPEHIESIVCVTAQHRQMLDQVLDVFNIKPDYDLDIMQARQTLNDISVRVLQ
GLEPVLQEAKPDIVLVHGDTLTTFLASYAAFMQQIKVGHVEAGLRTWNKLSPFPEEMNRQLTGVLADLHFAPTDWSASNL
RKENKQDASIFVTGNTVTDVFQYTVRSDYKHEVLDWAQGKRLVLMTAHRRESQGEPHRNIFRAVRRIADEFEDIAIVYPV
HPSPAVREPAHEMLGDHPRIKLIDPLDVVDLHNFYPHTHLILTDSGGLQEEAPSFGIPVLVLRETTERPEGIDAGTLELV
GTDEEKVYARAKALLSDETTYARMSKAANPYGDGKASQRIVSAILHSFGVLEERPEPFHTKFTNLEHHHHHH
;
_entity_poly.pdbx_strand_id   A,B
#
loop_
_chem_comp.id
_chem_comp.type
_chem_comp.name
_chem_comp.formula
PEG non-polymer DI(HYDROXYETHYL)ETHER 'C4 H10 O3'
#
# COMPACT_ATOMS: atom_id res chain seq x y z
N SER A 2 -19.54 31.16 -10.64
CA SER A 2 -19.42 30.91 -9.19
C SER A 2 -18.68 29.59 -8.95
N LYS A 3 -18.10 29.46 -7.75
CA LYS A 3 -17.09 28.43 -7.39
C LYS A 3 -17.57 27.73 -6.12
N VAL A 4 -16.93 26.63 -5.72
CA VAL A 4 -17.00 26.15 -4.32
C VAL A 4 -16.25 27.17 -3.44
N LYS A 5 -16.98 27.87 -2.58
CA LYS A 5 -16.41 28.86 -1.63
C LYS A 5 -15.99 28.09 -0.37
N VAL A 6 -14.69 27.90 -0.19
CA VAL A 6 -14.08 27.11 0.90
C VAL A 6 -13.52 28.12 1.89
N MET A 7 -14.09 28.19 3.10
CA MET A 7 -13.53 29.02 4.19
C MET A 7 -12.78 28.12 5.18
N THR A 8 -11.48 28.36 5.35
CA THR A 8 -10.63 27.70 6.36
C THR A 8 -10.64 28.60 7.60
N VAL A 9 -10.87 28.03 8.79
CA VAL A 9 -10.94 28.75 10.10
C VAL A 9 -10.00 28.10 11.10
N PHE A 10 -9.03 28.85 11.62
CA PHE A 10 -8.03 28.41 12.62
C PHE A 10 -7.52 29.62 13.41
N GLY A 11 -6.88 29.42 14.57
CA GLY A 11 -6.43 30.58 15.38
C GLY A 11 -5.42 30.26 16.45
N VAL A 12 -4.40 29.47 16.11
CA VAL A 12 -3.18 29.28 16.95
C VAL A 12 -2.04 28.85 16.03
N ARG A 13 -0.80 28.97 16.49
CA ARG A 13 0.46 28.71 15.73
C ARG A 13 0.46 27.31 15.13
N PRO A 14 0.30 26.22 15.93
CA PRO A 14 0.26 24.88 15.34
C PRO A 14 -0.84 24.72 14.28
N GLU A 15 -2.04 25.18 14.57
CA GLU A 15 -3.17 25.06 13.61
C GLU A 15 -2.74 25.74 12.30
N ALA A 16 -2.10 26.91 12.39
CA ALA A 16 -1.78 27.74 11.20
C ALA A 16 -0.84 26.94 10.29
N ILE A 17 0.22 26.37 10.87
CA ILE A 17 1.23 25.63 10.08
C ILE A 17 0.54 24.44 9.39
N LYS A 18 -0.31 23.70 10.10
CA LYS A 18 -0.94 22.45 9.55
C LYS A 18 -1.98 22.82 8.50
N MET A 19 -2.55 24.02 8.57
CA MET A 19 -3.56 24.47 7.60
C MET A 19 -2.90 25.16 6.40
N ALA A 20 -1.68 25.71 6.52
CA ALA A 20 -1.09 26.57 5.48
C ALA A 20 -0.98 25.80 4.16
N PRO A 21 -0.50 24.55 4.14
CA PRO A 21 -0.33 23.83 2.88
C PRO A 21 -1.65 23.51 2.19
N LEU A 22 -2.71 23.30 2.99
CA LEU A 22 -4.07 23.08 2.47
C LEU A 22 -4.54 24.36 1.80
N ILE A 23 -4.43 25.49 2.46
CA ILE A 23 -4.84 26.82 1.89
C ILE A 23 -4.10 26.99 0.57
N LEU A 24 -2.78 26.78 0.58
CA LEU A 24 -1.94 26.88 -0.64
C LEU A 24 -2.44 25.87 -1.69
N GLU A 25 -2.96 24.70 -1.28
CA GLU A 25 -3.46 23.69 -2.25
C GLU A 25 -4.78 24.21 -2.83
N LEU A 26 -5.64 24.78 -1.97
CA LEU A 26 -6.97 25.27 -2.43
C LEU A 26 -6.74 26.34 -3.51
N GLN A 27 -5.71 27.18 -3.38
CA GLN A 27 -5.43 28.34 -4.27
C GLN A 27 -4.96 27.87 -5.66
N LYS A 28 -4.59 26.58 -5.79
CA LYS A 28 -4.18 25.94 -7.07
C LYS A 28 -5.37 25.51 -7.93
N HIS A 29 -6.61 25.81 -7.52
CA HIS A 29 -7.85 25.40 -8.23
C HIS A 29 -8.80 26.58 -8.44
N PRO A 30 -8.35 27.74 -8.97
CA PRO A 30 -9.22 28.92 -9.01
C PRO A 30 -10.38 28.69 -9.99
N GLU A 31 -10.22 27.69 -10.87
CA GLU A 31 -11.27 27.24 -11.78
C GLU A 31 -12.49 26.82 -10.94
N HIS A 32 -12.30 26.05 -9.87
CA HIS A 32 -13.42 25.36 -9.15
C HIS A 32 -13.65 25.92 -7.74
N ILE A 33 -12.64 26.57 -7.15
CA ILE A 33 -12.60 26.92 -5.69
C ILE A 33 -12.24 28.40 -5.55
N GLU A 34 -12.98 29.11 -4.71
CA GLU A 34 -12.59 30.41 -4.10
C GLU A 34 -12.16 30.12 -2.66
N SER A 35 -10.90 30.41 -2.33
CA SER A 35 -10.27 30.13 -1.01
C SER A 35 -10.37 31.36 -0.11
N ILE A 36 -11.19 31.29 0.94
CA ILE A 36 -11.39 32.33 2.01
C ILE A 36 -10.66 31.84 3.25
N VAL A 37 -9.92 32.72 3.92
CA VAL A 37 -9.19 32.40 5.17
C VAL A 37 -9.71 33.30 6.30
N CYS A 38 -10.13 32.69 7.42
CA CYS A 38 -10.64 33.38 8.63
C CYS A 38 -9.78 32.97 9.83
N VAL A 39 -9.09 33.94 10.48
CA VAL A 39 -8.32 33.66 11.73
C VAL A 39 -9.15 34.18 12.93
N THR A 40 -9.07 33.50 14.06
CA THR A 40 -9.77 33.87 15.32
C THR A 40 -8.77 34.56 16.25
N ALA A 41 -7.73 33.83 16.67
CA ALA A 41 -6.49 34.32 17.33
C ALA A 41 -6.69 34.47 18.83
N MET A 46 -1.53 37.00 17.28
CA MET A 46 -0.54 37.35 16.23
C MET A 46 -0.03 36.09 15.51
N LEU A 47 -0.89 35.45 14.69
CA LEU A 47 -0.59 34.25 13.86
C LEU A 47 -0.11 34.69 12.46
N ASP A 48 0.10 36.00 12.26
CA ASP A 48 0.53 36.60 10.96
C ASP A 48 2.02 36.31 10.70
N GLN A 49 2.78 35.86 11.72
CA GLN A 49 4.22 35.49 11.62
C GLN A 49 4.40 34.29 10.67
N VAL A 50 3.63 33.22 10.90
CA VAL A 50 3.58 31.99 10.06
C VAL A 50 2.93 32.33 8.71
N LEU A 51 1.90 33.20 8.73
CA LEU A 51 1.14 33.64 7.52
C LEU A 51 2.07 34.43 6.57
N ASP A 52 3.10 35.10 7.10
CA ASP A 52 4.13 35.85 6.30
C ASP A 52 5.12 34.86 5.66
N VAL A 53 5.45 33.75 6.36
CA VAL A 53 6.31 32.65 5.82
C VAL A 53 5.64 32.08 4.56
N PHE A 54 4.41 31.56 4.72
CA PHE A 54 3.61 30.85 3.67
C PHE A 54 2.95 31.86 2.71
N ASN A 55 2.96 33.15 3.07
CA ASN A 55 2.38 34.27 2.28
C ASN A 55 0.89 33.98 2.11
N ILE A 56 0.19 33.93 3.25
CA ILE A 56 -1.29 33.77 3.36
C ILE A 56 -1.86 35.06 3.95
N LYS A 57 -2.77 35.71 3.22
CA LYS A 57 -3.46 36.95 3.67
C LYS A 57 -4.84 36.59 4.18
N PRO A 58 -5.10 36.59 5.51
CA PRO A 58 -6.44 36.36 6.04
C PRO A 58 -7.49 37.38 5.55
N ASP A 59 -8.60 36.89 4.99
CA ASP A 59 -9.72 37.75 4.52
C ASP A 59 -10.53 38.28 5.72
N TYR A 60 -10.54 37.54 6.84
CA TYR A 60 -11.13 37.97 8.13
C TYR A 60 -10.14 37.63 9.24
N ASP A 61 -10.05 38.56 10.20
CA ASP A 61 -9.30 38.47 11.49
C ASP A 61 -10.30 38.86 12.57
N LEU A 62 -11.01 37.90 13.16
CA LEU A 62 -11.66 38.10 14.48
C LEU A 62 -10.51 38.35 15.46
N ASP A 63 -10.75 39.04 16.58
CA ASP A 63 -9.79 39.11 17.72
C ASP A 63 -10.51 38.61 18.99
N ILE A 64 -10.01 37.56 19.62
CA ILE A 64 -10.56 37.03 20.90
C ILE A 64 -9.47 37.14 21.98
N MET A 65 -8.66 38.22 21.94
CA MET A 65 -7.66 38.58 22.99
C MET A 65 -8.39 38.92 24.30
N THR A 70 -12.04 32.89 29.91
CA THR A 70 -12.85 31.70 30.31
C THR A 70 -13.40 31.00 29.05
N LEU A 71 -13.53 29.66 29.08
CA LEU A 71 -14.03 28.84 27.94
C LEU A 71 -15.37 29.41 27.48
N ASN A 72 -16.26 29.73 28.40
CA ASN A 72 -17.58 30.30 28.01
C ASN A 72 -17.38 31.62 27.26
N ASP A 73 -16.43 32.48 27.70
CA ASP A 73 -16.23 33.85 27.13
C ASP A 73 -15.74 33.69 25.69
N ILE A 74 -14.76 32.80 25.45
CA ILE A 74 -14.21 32.53 24.10
C ILE A 74 -15.35 32.02 23.21
N SER A 75 -16.15 31.07 23.72
CA SER A 75 -17.28 30.45 22.98
C SER A 75 -18.21 31.55 22.52
N VAL A 76 -18.68 32.39 23.44
CA VAL A 76 -19.60 33.52 23.11
C VAL A 76 -18.95 34.37 22.01
N ARG A 77 -17.68 34.73 22.20
CA ARG A 77 -16.97 35.75 21.37
C ARG A 77 -16.70 35.14 19.98
N VAL A 78 -16.29 33.87 19.89
CA VAL A 78 -16.11 33.19 18.57
C VAL A 78 -17.45 33.15 17.87
N LEU A 79 -18.54 32.81 18.57
CA LEU A 79 -19.87 32.67 17.90
C LEU A 79 -20.30 34.04 17.34
N GLN A 80 -20.22 35.08 18.16
CA GLN A 80 -20.61 36.47 17.79
C GLN A 80 -19.83 36.93 16.55
N GLY A 81 -18.50 36.80 16.57
CA GLY A 81 -17.58 37.20 15.48
C GLY A 81 -17.88 36.46 14.18
N LEU A 82 -18.08 35.15 14.26
CA LEU A 82 -18.23 34.27 13.06
C LEU A 82 -19.57 34.49 12.38
N GLU A 83 -20.64 34.83 13.10
CA GLU A 83 -21.98 34.95 12.48
C GLU A 83 -21.93 35.96 11.32
N PRO A 84 -21.49 37.22 11.53
CA PRO A 84 -21.44 38.17 10.42
C PRO A 84 -20.46 37.70 9.33
N VAL A 85 -19.27 37.22 9.69
CA VAL A 85 -18.33 36.68 8.67
C VAL A 85 -19.08 35.66 7.81
N LEU A 86 -19.85 34.72 8.37
CA LEU A 86 -20.46 33.62 7.56
C LEU A 86 -21.60 34.16 6.69
N GLN A 87 -22.43 35.08 7.18
CA GLN A 87 -23.59 35.57 6.34
C GLN A 87 -23.07 36.54 5.26
N GLU A 88 -21.89 37.17 5.44
CA GLU A 88 -21.28 38.01 4.37
C GLU A 88 -20.63 37.11 3.29
N ALA A 89 -19.75 36.18 3.67
CA ALA A 89 -18.96 35.36 2.73
C ALA A 89 -19.80 34.22 2.13
N LYS A 90 -20.81 33.74 2.85
CA LYS A 90 -21.63 32.55 2.42
C LYS A 90 -20.76 31.46 1.79
N PRO A 91 -19.78 30.91 2.54
CA PRO A 91 -19.01 29.79 2.03
C PRO A 91 -19.90 28.57 1.82
N ASP A 92 -19.51 27.67 0.93
CA ASP A 92 -20.21 26.38 0.71
C ASP A 92 -19.74 25.38 1.77
N ILE A 93 -18.51 25.53 2.26
CA ILE A 93 -17.92 24.57 3.24
C ILE A 93 -16.91 25.33 4.09
N VAL A 94 -17.05 25.18 5.40
CA VAL A 94 -16.05 25.62 6.43
C VAL A 94 -15.14 24.43 6.76
N LEU A 95 -13.83 24.64 6.74
CA LEU A 95 -12.79 23.66 7.04
C LEU A 95 -12.20 24.06 8.37
N VAL A 96 -12.19 23.12 9.32
CA VAL A 96 -11.60 23.34 10.67
C VAL A 96 -10.52 22.27 10.89
N HIS A 97 -9.60 22.53 11.81
CA HIS A 97 -8.44 21.63 12.03
C HIS A 97 -8.42 21.13 13.49
N GLY A 98 -8.26 19.82 13.70
CA GLY A 98 -7.76 19.27 14.96
C GLY A 98 -8.79 19.40 16.07
N ASP A 99 -8.39 19.96 17.21
CA ASP A 99 -9.18 19.75 18.44
C ASP A 99 -9.11 20.98 19.34
N THR A 100 -9.04 22.18 18.76
CA THR A 100 -9.10 23.45 19.53
C THR A 100 -10.56 23.78 19.82
N LEU A 101 -10.82 24.70 20.73
CA LEU A 101 -12.19 25.23 20.99
C LEU A 101 -12.75 25.87 19.70
N THR A 102 -11.89 26.53 18.94
CA THR A 102 -12.25 27.23 17.67
C THR A 102 -12.76 26.23 16.63
N THR A 103 -12.17 25.05 16.56
CA THR A 103 -12.54 23.98 15.61
C THR A 103 -14.00 23.65 15.84
N PHE A 104 -14.35 23.39 17.09
CA PHE A 104 -15.73 23.05 17.45
C PHE A 104 -16.64 24.28 17.21
N LEU A 105 -16.31 25.44 17.76
CA LEU A 105 -17.17 26.66 17.69
C LEU A 105 -17.43 27.04 16.22
N ALA A 106 -16.39 27.02 15.39
CA ALA A 106 -16.55 27.35 13.94
C ALA A 106 -17.48 26.33 13.28
N SER A 107 -17.38 25.04 13.64
CA SER A 107 -18.23 23.96 13.03
C SER A 107 -19.67 24.26 13.41
N TYR A 108 -19.87 24.66 14.65
CA TYR A 108 -21.20 24.96 15.26
C TYR A 108 -21.79 26.24 14.64
N ALA A 109 -20.99 27.28 14.46
CA ALA A 109 -21.41 28.51 13.74
C ALA A 109 -21.87 28.13 12.34
N ALA A 110 -21.15 27.20 11.69
CA ALA A 110 -21.44 26.77 10.30
C ALA A 110 -22.72 25.93 10.30
N PHE A 111 -22.86 25.01 11.27
CA PHE A 111 -24.07 24.17 11.45
C PHE A 111 -25.30 25.07 11.56
N MET A 112 -25.19 26.20 12.27
CA MET A 112 -26.35 27.09 12.51
C MET A 112 -26.66 27.99 11.31
N GLN A 113 -25.90 27.89 10.21
CA GLN A 113 -26.25 28.53 8.93
C GLN A 113 -26.34 27.46 7.83
N GLN A 114 -26.52 26.20 8.21
CA GLN A 114 -26.60 25.04 7.27
C GLN A 114 -25.46 25.13 6.24
N ILE A 115 -24.25 25.44 6.68
CA ILE A 115 -23.02 25.39 5.83
C ILE A 115 -22.27 24.08 6.13
N LYS A 116 -21.96 23.31 5.09
CA LYS A 116 -21.20 22.02 5.17
C LYS A 116 -19.91 22.23 5.97
N VAL A 117 -19.48 21.22 6.73
CA VAL A 117 -18.25 21.29 7.57
C VAL A 117 -17.33 20.15 7.12
N GLY A 118 -16.06 20.49 6.99
CA GLY A 118 -14.95 19.57 6.74
C GLY A 118 -13.96 19.64 7.89
N HIS A 119 -13.64 18.48 8.48
CA HIS A 119 -12.73 18.37 9.64
C HIS A 119 -11.41 17.76 9.18
N VAL A 120 -10.37 18.60 9.15
CA VAL A 120 -8.95 18.19 8.92
C VAL A 120 -8.39 17.60 10.22
N GLU A 121 -7.80 16.40 10.14
CA GLU A 121 -7.21 15.69 11.29
C GLU A 121 -8.35 15.21 12.18
N ALA A 122 -9.32 14.54 11.59
CA ALA A 122 -10.49 13.90 12.22
C ALA A 122 -10.12 12.51 12.78
N GLY A 123 -10.63 12.20 13.97
CA GLY A 123 -10.77 10.80 14.44
C GLY A 123 -9.84 10.47 15.59
N LEU A 124 -9.01 11.41 16.03
CA LEU A 124 -8.07 11.17 17.16
C LEU A 124 -8.92 11.02 18.42
N ARG A 125 -8.71 9.96 19.21
CA ARG A 125 -9.51 9.69 20.44
C ARG A 125 -8.61 9.10 21.53
N THR A 126 -8.82 9.53 22.79
CA THR A 126 -8.37 8.88 24.05
C THR A 126 -9.57 8.18 24.70
N TRP A 127 -10.79 8.48 24.23
CA TRP A 127 -12.07 8.14 24.88
C TRP A 127 -12.08 8.56 26.37
N ASN A 128 -11.34 9.61 26.74
CA ASN A 128 -11.24 10.15 28.12
C ASN A 128 -11.44 11.67 28.06
N LYS A 129 -12.66 12.08 28.38
CA LYS A 129 -13.24 13.43 28.58
C LYS A 129 -12.29 14.34 29.39
N LEU A 130 -11.57 13.78 30.36
CA LEU A 130 -10.73 14.54 31.32
C LEU A 130 -9.27 14.57 30.86
N SER A 131 -8.91 13.84 29.78
CA SER A 131 -7.50 13.77 29.29
C SER A 131 -7.43 13.36 27.81
N PRO A 132 -7.16 14.30 26.88
CA PRO A 132 -7.00 15.73 27.20
C PRO A 132 -8.33 16.51 27.34
N PHE A 133 -8.33 17.56 28.17
CA PHE A 133 -9.49 18.46 28.46
C PHE A 133 -9.09 19.86 28.05
N PRO A 134 -9.84 20.60 27.20
CA PRO A 134 -11.06 20.09 26.57
C PRO A 134 -10.96 19.48 25.16
N GLU A 135 -9.77 19.06 24.71
CA GLU A 135 -9.51 18.62 23.31
C GLU A 135 -10.30 17.35 22.97
N GLU A 136 -10.38 16.34 23.84
CA GLU A 136 -11.17 15.12 23.51
C GLU A 136 -12.62 15.51 23.20
N MET A 137 -13.25 16.29 24.09
CA MET A 137 -14.65 16.73 23.88
C MET A 137 -14.73 17.63 22.63
N ASN A 138 -13.77 18.50 22.40
CA ASN A 138 -13.76 19.39 21.22
C ASN A 138 -13.81 18.55 19.95
N ARG A 139 -12.97 17.52 19.83
CA ARG A 139 -12.87 16.67 18.60
C ARG A 139 -14.07 15.73 18.47
N GLN A 140 -14.72 15.33 19.57
CA GLN A 140 -15.91 14.47 19.50
C GLN A 140 -17.11 15.33 19.04
N LEU A 141 -17.20 16.57 19.55
CA LEU A 141 -18.28 17.53 19.13
C LEU A 141 -18.12 17.85 17.65
N THR A 142 -16.92 18.16 17.18
CA THR A 142 -16.64 18.47 15.75
C THR A 142 -17.06 17.24 14.93
N GLY A 143 -16.68 16.06 15.43
CA GLY A 143 -17.05 14.76 14.86
C GLY A 143 -18.53 14.64 14.56
N VAL A 144 -19.40 15.18 15.41
CA VAL A 144 -20.85 15.07 15.14
C VAL A 144 -21.28 16.17 14.15
N LEU A 145 -20.57 17.29 14.08
CA LEU A 145 -20.98 18.41 13.19
C LEU A 145 -20.43 18.23 11.77
N ALA A 146 -19.29 17.54 11.61
CA ALA A 146 -18.55 17.42 10.32
C ALA A 146 -19.34 16.61 9.29
N ASP A 147 -19.44 17.14 8.08
CA ASP A 147 -20.03 16.41 6.92
C ASP A 147 -18.94 15.55 6.27
N LEU A 148 -17.70 16.04 6.28
CA LEU A 148 -16.52 15.40 5.67
C LEU A 148 -15.47 15.26 6.78
N HIS A 149 -15.01 14.03 7.00
CA HIS A 149 -13.96 13.66 7.97
C HIS A 149 -12.68 13.37 7.20
N PHE A 150 -11.65 14.21 7.32
CA PHE A 150 -10.33 13.96 6.69
C PHE A 150 -9.46 13.31 7.74
N ALA A 151 -9.56 11.97 7.81
CA ALA A 151 -8.84 11.14 8.81
C ALA A 151 -7.41 10.97 8.34
N PRO A 152 -6.41 11.27 9.20
CA PRO A 152 -5.01 11.13 8.82
C PRO A 152 -4.64 9.66 8.56
N THR A 153 -5.20 8.72 9.32
CA THR A 153 -4.77 7.31 9.37
C THR A 153 -5.99 6.40 9.33
N ASP A 154 -5.77 5.11 9.05
CA ASP A 154 -6.82 4.07 9.12
C ASP A 154 -7.26 3.90 10.58
N TRP A 155 -6.38 4.05 11.57
CA TRP A 155 -6.76 3.98 13.01
C TRP A 155 -7.77 5.10 13.33
N SER A 156 -7.49 6.33 12.89
CA SER A 156 -8.40 7.49 13.00
C SER A 156 -9.75 7.17 12.36
N ALA A 157 -9.76 6.64 11.14
CA ALA A 157 -11.02 6.34 10.41
C ALA A 157 -11.81 5.29 11.21
N SER A 158 -11.14 4.29 11.75
CA SER A 158 -11.83 3.23 12.53
C SER A 158 -12.36 3.81 13.86
N ASN A 159 -11.70 4.80 14.48
CA ASN A 159 -12.33 5.51 15.63
C ASN A 159 -13.69 6.07 15.19
N LEU A 160 -13.74 6.69 14.01
CA LEU A 160 -14.98 7.32 13.48
C LEU A 160 -16.04 6.26 13.18
N ARG A 161 -15.66 5.09 12.64
CA ARG A 161 -16.60 3.96 12.38
C ARG A 161 -17.13 3.44 13.73
N LYS A 162 -16.31 3.36 14.76
CA LYS A 162 -16.73 2.95 16.12
C LYS A 162 -17.87 3.85 16.65
N GLU A 163 -17.99 5.08 16.14
CA GLU A 163 -18.95 6.11 16.59
C GLU A 163 -20.13 6.14 15.61
N ASN A 164 -20.15 5.22 14.63
CA ASN A 164 -21.25 5.06 13.66
C ASN A 164 -21.27 6.21 12.65
N LYS A 165 -20.12 6.79 12.30
CA LYS A 165 -20.09 7.76 11.17
C LYS A 165 -20.26 6.97 9.86
N GLN A 166 -20.99 7.54 8.89
CA GLN A 166 -21.18 7.00 7.53
C GLN A 166 -19.82 6.87 6.85
N ASP A 167 -19.50 5.68 6.36
CA ASP A 167 -18.24 5.37 5.63
C ASP A 167 -17.97 6.38 4.52
N ALA A 168 -18.97 6.74 3.73
CA ALA A 168 -18.76 7.59 2.54
C ALA A 168 -18.30 9.00 3.00
N SER A 169 -18.63 9.42 4.24
CA SER A 169 -18.23 10.74 4.79
C SER A 169 -16.74 10.74 5.25
N ILE A 170 -16.08 9.58 5.37
CA ILE A 170 -14.67 9.44 5.84
C ILE A 170 -13.70 9.28 4.66
N PHE A 171 -12.66 10.11 4.62
CA PHE A 171 -11.56 10.07 3.62
C PHE A 171 -10.25 9.98 4.40
N VAL A 172 -9.50 8.88 4.30
CA VAL A 172 -8.16 8.90 4.95
C VAL A 172 -7.19 9.58 3.98
N THR A 173 -6.66 10.72 4.39
CA THR A 173 -5.93 11.67 3.51
C THR A 173 -4.45 11.69 3.89
N GLY A 174 -4.09 11.10 5.03
CA GLY A 174 -2.85 11.44 5.73
C GLY A 174 -2.94 12.80 6.43
N ASN A 175 -1.88 13.17 7.15
CA ASN A 175 -1.87 14.45 7.91
C ASN A 175 -1.17 15.53 7.07
N THR A 176 -1.68 16.76 7.12
CA THR A 176 -1.11 17.92 6.39
C THR A 176 0.20 18.35 7.01
N VAL A 177 0.54 17.92 8.23
CA VAL A 177 1.87 18.17 8.85
C VAL A 177 2.95 17.83 7.83
N THR A 178 2.77 16.70 7.16
CA THR A 178 3.69 16.06 6.19
C THR A 178 3.76 16.89 4.89
N ASP A 179 2.77 17.74 4.62
CA ASP A 179 2.77 18.65 3.44
C ASP A 179 3.57 19.93 3.73
N VAL A 180 3.96 20.23 4.97
CA VAL A 180 4.60 21.55 5.20
C VAL A 180 6.09 21.52 4.83
N PHE A 181 6.78 20.36 4.75
CA PHE A 181 8.25 20.30 4.51
C PHE A 181 8.67 20.95 3.19
N GLN A 182 7.80 20.95 2.16
CA GLN A 182 8.02 21.59 0.83
C GLN A 182 8.30 23.07 1.01
N TYR A 183 7.61 23.71 1.97
CA TYR A 183 7.57 25.19 2.14
C TYR A 183 8.66 25.64 3.11
N THR A 184 9.24 24.67 3.79
CA THR A 184 9.97 24.86 5.06
C THR A 184 11.43 24.46 4.80
N VAL A 185 11.66 23.31 4.17
CA VAL A 185 13.01 22.76 3.88
C VAL A 185 13.60 23.48 2.66
N ARG A 186 14.86 23.93 2.77
CA ARG A 186 15.66 24.58 1.70
C ARG A 186 17.03 23.89 1.64
N SER A 187 17.67 23.86 0.46
CA SER A 187 19.07 23.40 0.27
C SER A 187 20.04 24.48 0.74
N ASP A 188 19.73 25.75 0.41
CA ASP A 188 20.44 26.97 0.85
C ASP A 188 20.74 26.94 2.37
N TYR A 189 20.07 26.08 3.16
CA TYR A 189 20.02 26.10 4.65
C TYR A 189 21.39 25.80 5.29
N LYS A 190 21.76 26.62 6.27
CA LYS A 190 23.09 26.64 6.96
C LYS A 190 22.86 26.79 8.46
N HIS A 191 23.57 26.04 9.31
CA HIS A 191 23.53 26.29 10.78
C HIS A 191 24.88 25.95 11.43
N GLU A 192 25.36 26.79 12.35
CA GLU A 192 26.58 26.53 13.16
C GLU A 192 26.55 25.09 13.72
N VAL A 193 25.42 24.67 14.28
CA VAL A 193 25.24 23.31 14.88
C VAL A 193 25.44 22.24 13.79
N LEU A 194 24.93 22.44 12.58
CA LEU A 194 25.13 21.44 11.50
C LEU A 194 26.62 21.37 11.14
N ASP A 195 27.29 22.53 11.07
CA ASP A 195 28.75 22.65 10.77
C ASP A 195 29.52 21.88 11.83
N TRP A 196 29.17 22.08 13.10
CA TRP A 196 29.76 21.39 14.27
C TRP A 196 29.58 19.87 14.14
N ALA A 197 28.51 19.41 13.50
CA ALA A 197 28.13 17.97 13.43
C ALA A 197 28.65 17.34 12.13
N GLN A 198 29.22 18.16 11.23
CA GLN A 198 29.45 17.90 9.78
C GLN A 198 29.85 16.44 9.52
N GLY A 199 30.92 15.96 10.12
CA GLY A 199 31.52 14.67 9.73
C GLY A 199 30.89 13.47 10.43
N LYS A 200 29.89 13.70 11.30
CA LYS A 200 29.38 12.68 12.24
C LYS A 200 27.90 12.39 11.98
N ARG A 201 27.41 11.30 12.56
CA ARG A 201 25.98 10.91 12.59
C ARG A 201 25.26 11.84 13.58
N LEU A 202 24.42 12.77 13.10
CA LEU A 202 23.74 13.75 14.00
C LEU A 202 22.61 13.05 14.77
N VAL A 203 22.70 12.98 16.10
CA VAL A 203 21.66 12.37 16.98
C VAL A 203 20.86 13.51 17.63
N LEU A 204 19.61 13.72 17.22
CA LEU A 204 18.78 14.84 17.73
C LEU A 204 17.92 14.32 18.89
N MET A 205 18.00 14.98 20.06
CA MET A 205 17.25 14.60 21.27
C MET A 205 16.48 15.81 21.79
N THR A 206 15.24 15.59 22.23
CA THR A 206 14.40 16.63 22.89
C THR A 206 13.61 15.97 24.01
N ALA A 207 13.39 16.68 25.12
CA ALA A 207 12.62 16.21 26.30
C ALA A 207 11.92 17.41 26.93
N HIS A 208 10.72 17.74 26.44
CA HIS A 208 9.97 18.97 26.85
CA HIS A 208 9.91 18.95 26.78
C HIS A 208 8.84 18.62 27.82
N ARG A 209 8.55 17.33 28.00
CA ARG A 209 7.47 16.83 28.88
C ARG A 209 7.80 17.19 30.32
N ARG A 210 6.90 17.88 31.01
CA ARG A 210 7.14 18.42 32.38
C ARG A 210 7.23 17.26 33.36
N GLU A 211 6.47 16.20 33.12
CA GLU A 211 6.31 15.08 34.08
C GLU A 211 7.61 14.28 34.21
N SER A 212 8.61 14.49 33.34
CA SER A 212 9.88 13.73 33.34
C SER A 212 10.99 14.52 34.00
N GLN A 213 10.72 15.70 34.55
CA GLN A 213 11.75 16.50 35.24
C GLN A 213 12.25 15.73 36.48
N GLY A 214 13.54 15.90 36.83
CA GLY A 214 14.23 15.19 37.92
C GLY A 214 14.67 13.78 37.52
N GLU A 215 14.18 12.79 38.26
CA GLU A 215 14.64 11.38 38.25
C GLU A 215 14.66 10.83 36.82
N PRO A 216 13.55 10.91 36.04
CA PRO A 216 13.54 10.39 34.67
C PRO A 216 14.62 11.05 33.80
N HIS A 217 14.69 12.39 33.81
CA HIS A 217 15.69 13.14 33.02
C HIS A 217 17.10 12.62 33.37
N ARG A 218 17.40 12.53 34.67
CA ARG A 218 18.70 12.04 35.21
C ARG A 218 19.07 10.72 34.54
N ASN A 219 18.08 9.83 34.41
CA ASN A 219 18.27 8.46 33.87
C ASN A 219 18.58 8.56 32.37
N ILE A 220 17.84 9.42 31.67
CA ILE A 220 17.98 9.62 30.20
C ILE A 220 19.39 10.16 29.97
N PHE A 221 19.81 11.11 30.78
CA PHE A 221 21.10 11.85 30.59
C PHE A 221 22.27 10.89 30.83
N ARG A 222 22.19 10.04 31.86
CA ARG A 222 23.25 9.05 32.16
C ARG A 222 23.40 8.10 30.96
N ALA A 223 22.29 7.67 30.35
CA ALA A 223 22.30 6.78 29.18
C ALA A 223 22.92 7.52 28.00
N VAL A 224 22.59 8.79 27.84
CA VAL A 224 23.06 9.62 26.70
C VAL A 224 24.56 9.87 26.84
N ARG A 225 25.02 10.17 28.06
CA ARG A 225 26.46 10.40 28.35
C ARG A 225 27.23 9.14 27.91
N ARG A 226 26.80 7.98 28.40
CA ARG A 226 27.44 6.68 28.08
C ARG A 226 27.50 6.52 26.55
N ILE A 227 26.42 6.88 25.86
CA ILE A 227 26.32 6.70 24.39
C ILE A 227 27.33 7.65 23.73
N ALA A 228 27.41 8.89 24.21
CA ALA A 228 28.36 9.92 23.72
C ALA A 228 29.78 9.37 23.87
N ASP A 229 30.07 8.75 25.03
CA ASP A 229 31.41 8.22 25.39
C ASP A 229 31.73 7.09 24.42
N GLU A 230 30.77 6.17 24.24
CA GLU A 230 30.92 4.92 23.45
C GLU A 230 31.10 5.20 21.96
N PHE A 231 30.39 6.16 21.40
CA PHE A 231 30.39 6.40 19.93
C PHE A 231 31.19 7.67 19.62
N GLU A 232 32.25 7.51 18.82
CA GLU A 232 33.18 8.59 18.41
C GLU A 232 32.72 9.21 17.10
N ASP A 233 31.75 8.61 16.37
CA ASP A 233 31.26 9.12 15.06
C ASP A 233 29.82 9.66 15.16
N ILE A 234 29.35 10.00 16.36
CA ILE A 234 28.05 10.69 16.56
C ILE A 234 28.33 12.09 17.11
N ALA A 235 27.40 13.01 16.89
CA ALA A 235 27.31 14.36 17.50
C ALA A 235 25.88 14.54 17.98
N ILE A 236 25.66 14.61 19.29
CA ILE A 236 24.30 14.70 19.88
C ILE A 236 23.96 16.19 20.01
N VAL A 237 22.85 16.62 19.40
CA VAL A 237 22.28 17.98 19.48
C VAL A 237 21.06 17.88 20.38
N TYR A 238 21.05 18.62 21.48
CA TYR A 238 19.99 18.64 22.51
C TYR A 238 19.50 20.06 22.69
N PRO A 239 18.43 20.47 21.97
CA PRO A 239 17.73 21.73 22.24
C PRO A 239 16.99 21.63 23.57
N VAL A 240 17.53 22.26 24.62
CA VAL A 240 17.11 22.00 26.03
C VAL A 240 15.92 22.90 26.40
N HIS A 241 14.95 22.33 27.13
CA HIS A 241 13.81 23.06 27.73
C HIS A 241 14.36 24.22 28.55
N PRO A 242 13.78 25.44 28.42
CA PRO A 242 14.19 26.63 29.18
C PRO A 242 14.27 26.54 30.71
N SER A 243 13.35 25.79 31.31
CA SER A 243 13.20 25.61 32.77
C SER A 243 14.56 25.32 33.40
N PRO A 244 14.96 26.04 34.47
CA PRO A 244 16.08 25.64 35.31
C PRO A 244 16.04 24.18 35.77
N ALA A 245 14.86 23.62 35.99
CA ALA A 245 14.68 22.22 36.45
C ALA A 245 15.16 21.24 35.36
N VAL A 246 15.33 21.70 34.10
CA VAL A 246 15.99 20.89 33.03
C VAL A 246 17.40 21.45 32.76
N ARG A 247 17.54 22.76 32.52
CA ARG A 247 18.82 23.39 32.07
C ARG A 247 19.96 22.98 33.00
N GLU A 248 19.74 23.05 34.30
CA GLU A 248 20.79 22.78 35.31
C GLU A 248 21.20 21.32 35.24
N PRO A 249 20.31 20.34 35.48
CA PRO A 249 20.73 18.94 35.46
C PRO A 249 21.35 18.57 34.09
N ALA A 250 20.88 19.17 33.00
CA ALA A 250 21.35 18.85 31.63
C ALA A 250 22.79 19.38 31.46
N HIS A 251 23.02 20.64 31.82
CA HIS A 251 24.35 21.29 31.78
C HIS A 251 25.30 20.50 32.68
N GLU A 252 24.88 20.24 33.92
CA GLU A 252 25.66 19.50 34.95
C GLU A 252 26.11 18.15 34.38
N MET A 253 25.22 17.40 33.73
CA MET A 253 25.47 15.97 33.36
C MET A 253 25.87 15.82 31.89
N LEU A 254 25.65 16.81 31.01
CA LEU A 254 25.91 16.67 29.54
C LEU A 254 26.73 17.85 28.98
N GLY A 255 27.09 18.86 29.80
CA GLY A 255 27.48 20.20 29.31
C GLY A 255 28.93 20.33 28.85
N ASP A 256 29.80 19.35 29.17
CA ASP A 256 31.25 19.45 28.88
CA ASP A 256 31.26 19.41 28.97
C ASP A 256 31.72 18.14 28.23
N HIS A 257 30.95 17.68 27.24
CA HIS A 257 31.27 16.49 26.41
C HIS A 257 31.52 16.98 24.99
N PRO A 258 32.62 16.55 24.31
CA PRO A 258 32.93 17.02 22.96
C PRO A 258 31.94 16.63 21.85
N ARG A 259 31.12 15.59 22.06
CA ARG A 259 30.15 15.07 21.07
C ARG A 259 28.71 15.35 21.57
N ILE A 260 28.54 16.29 22.49
CA ILE A 260 27.18 16.77 22.91
C ILE A 260 27.16 18.30 22.86
N LYS A 261 26.31 18.88 21.99
CA LYS A 261 26.02 20.34 21.91
C LYS A 261 24.65 20.62 22.54
N LEU A 262 24.61 21.23 23.72
CA LEU A 262 23.37 21.78 24.34
C LEU A 262 23.07 23.12 23.70
N ILE A 263 21.87 23.29 23.13
CA ILE A 263 21.45 24.56 22.44
C ILE A 263 20.07 24.99 22.94
N ASP A 264 19.67 26.19 22.52
CA ASP A 264 18.33 26.76 22.82
C ASP A 264 17.34 26.07 21.89
N PRO A 265 16.06 25.93 22.32
CA PRO A 265 15.04 25.29 21.49
C PRO A 265 15.04 25.83 20.06
N LEU A 266 14.83 24.95 19.09
CA LEU A 266 14.80 25.24 17.64
C LEU A 266 13.40 25.79 17.28
N ASP A 267 13.36 26.80 16.42
CA ASP A 267 12.17 27.22 15.64
C ASP A 267 11.71 26.02 14.80
N VAL A 268 10.42 25.95 14.46
CA VAL A 268 9.85 24.93 13.52
C VAL A 268 10.72 24.85 12.26
N VAL A 269 11.05 26.00 11.66
CA VAL A 269 11.76 26.07 10.35
C VAL A 269 13.16 25.48 10.50
N ASP A 270 13.82 25.79 11.62
CA ASP A 270 15.15 25.24 11.94
C ASP A 270 14.99 23.72 12.11
N LEU A 271 13.99 23.29 12.89
CA LEU A 271 13.75 21.86 13.21
C LEU A 271 13.59 21.07 11.91
N HIS A 272 12.69 21.53 11.04
CA HIS A 272 12.42 20.91 9.73
C HIS A 272 13.72 20.80 8.92
N ASN A 273 14.58 21.83 8.97
CA ASN A 273 15.84 21.88 8.17
C ASN A 273 16.94 20.99 8.79
N PHE A 274 16.87 20.67 10.09
CA PHE A 274 17.82 19.70 10.70
C PHE A 274 17.53 18.30 10.17
N TYR A 275 16.28 17.99 9.85
CA TYR A 275 15.80 16.61 9.61
C TYR A 275 16.58 15.92 8.48
N PRO A 276 16.85 16.57 7.33
CA PRO A 276 17.66 15.94 6.28
C PRO A 276 19.07 15.49 6.73
N HIS A 277 19.62 16.17 7.73
CA HIS A 277 21.00 15.96 8.24
C HIS A 277 21.03 14.97 9.41
N THR A 278 19.90 14.50 9.95
CA THR A 278 19.90 13.81 11.26
C THR A 278 19.71 12.31 11.05
N HIS A 279 20.30 11.53 11.94
CA HIS A 279 20.47 10.07 11.78
C HIS A 279 19.48 9.32 12.69
N LEU A 280 19.33 9.78 13.91
CA LEU A 280 18.55 9.13 14.98
C LEU A 280 17.93 10.24 15.83
N ILE A 281 16.70 10.06 16.28
CA ILE A 281 16.02 10.96 17.25
C ILE A 281 15.70 10.18 18.54
N LEU A 282 15.98 10.81 19.69
CA LEU A 282 15.35 10.46 20.98
C LEU A 282 14.49 11.65 21.37
N THR A 283 13.18 11.45 21.56
CA THR A 283 12.22 12.52 21.95
C THR A 283 11.09 12.00 22.82
N ASP A 284 10.38 12.91 23.46
CA ASP A 284 9.02 12.64 23.98
C ASP A 284 8.04 13.60 23.28
N SER A 285 8.47 14.22 22.17
CA SER A 285 7.64 15.17 21.36
C SER A 285 6.72 14.37 20.42
N GLY A 286 5.40 14.62 20.52
CA GLY A 286 4.39 14.15 19.54
C GLY A 286 4.69 14.65 18.12
N GLY A 287 5.12 15.90 17.99
CA GLY A 287 5.53 16.52 16.71
C GLY A 287 6.65 15.74 16.01
N LEU A 288 7.81 15.51 16.65
CA LEU A 288 8.95 14.81 15.99
C LEU A 288 8.51 13.41 15.60
N GLN A 289 7.76 12.73 16.47
CA GLN A 289 7.28 11.36 16.18
C GLN A 289 6.45 11.33 14.89
N GLU A 290 5.75 12.43 14.61
CA GLU A 290 4.78 12.56 13.48
C GLU A 290 5.52 12.92 12.19
N GLU A 291 6.60 13.68 12.31
CA GLU A 291 7.28 14.32 11.17
C GLU A 291 8.48 13.49 10.69
N ALA A 292 9.30 13.05 11.65
CA ALA A 292 10.69 12.57 11.44
C ALA A 292 10.72 11.40 10.48
N PRO A 293 9.74 10.48 10.56
CA PRO A 293 9.74 9.32 9.67
C PRO A 293 9.63 9.71 8.18
N SER A 294 9.14 10.91 7.86
CA SER A 294 9.10 11.41 6.47
C SER A 294 10.53 11.44 5.89
N PHE A 295 11.57 11.56 6.74
CA PHE A 295 12.99 11.69 6.33
C PHE A 295 13.81 10.44 6.63
N GLY A 296 13.16 9.31 6.91
CA GLY A 296 13.82 8.03 7.20
C GLY A 296 14.41 7.96 8.60
N ILE A 297 14.15 8.96 9.46
CA ILE A 297 14.80 9.04 10.80
C ILE A 297 14.08 8.12 11.77
N PRO A 298 14.70 7.00 12.22
CA PRO A 298 14.17 6.19 13.31
C PRO A 298 14.03 7.07 14.57
N VAL A 299 12.94 6.89 15.32
CA VAL A 299 12.65 7.65 16.57
C VAL A 299 12.52 6.69 17.74
N LEU A 300 13.34 6.90 18.78
CA LEU A 300 13.19 6.24 20.10
C LEU A 300 12.45 7.25 20.98
N VAL A 301 11.31 6.82 21.53
CA VAL A 301 10.35 7.69 22.25
C VAL A 301 10.65 7.55 23.74
N LEU A 302 10.96 8.65 24.42
CA LEU A 302 11.35 8.68 25.86
C LEU A 302 10.09 8.71 26.72
N ARG A 303 9.28 7.65 26.62
CA ARG A 303 7.95 7.58 27.26
C ARG A 303 7.60 6.10 27.56
N GLU A 304 6.75 5.88 28.56
CA GLU A 304 6.18 4.54 28.89
C GLU A 304 5.13 4.18 27.84
N THR A 305 4.30 5.16 27.45
CA THR A 305 3.22 4.96 26.46
C THR A 305 3.18 6.12 25.48
N THR A 306 2.19 6.10 24.58
CA THR A 306 1.85 7.19 23.64
C THR A 306 0.34 7.12 23.38
N GLU A 307 -0.30 8.24 23.02
CA GLU A 307 -1.75 8.30 22.70
C GLU A 307 -2.02 7.58 21.35
N ARG A 308 -1.15 7.80 20.36
CA ARG A 308 -1.31 7.32 18.96
C ARG A 308 -0.65 5.95 18.80
N PRO A 309 -1.36 4.93 18.29
CA PRO A 309 -0.71 3.65 18.00
C PRO A 309 0.04 3.51 16.65
N GLU A 310 -0.29 4.34 15.67
CA GLU A 310 0.03 4.07 14.24
C GLU A 310 1.56 4.00 14.03
N GLY A 311 2.31 4.88 14.68
CA GLY A 311 3.77 4.92 14.60
C GLY A 311 4.42 3.63 15.11
N ILE A 312 3.98 3.16 16.27
CA ILE A 312 4.45 1.91 16.92
C ILE A 312 4.22 0.77 15.92
N ASP A 313 2.96 0.53 15.56
CA ASP A 313 2.53 -0.62 14.72
C ASP A 313 3.32 -0.56 13.41
N ALA A 314 3.57 0.63 12.87
CA ALA A 314 4.29 0.81 11.59
C ALA A 314 5.80 0.57 11.75
N GLY A 315 6.34 0.60 12.97
CA GLY A 315 7.78 0.48 13.30
C GLY A 315 8.62 1.70 12.94
N THR A 316 8.03 2.90 12.77
CA THR A 316 8.78 4.17 12.58
C THR A 316 9.30 4.67 13.93
N LEU A 317 8.63 4.26 15.00
CA LEU A 317 8.92 4.65 16.40
C LEU A 317 9.08 3.38 17.25
N GLU A 318 9.83 3.47 18.34
CA GLU A 318 9.88 2.46 19.42
C GLU A 318 9.76 3.17 20.76
N LEU A 319 8.86 2.71 21.63
CA LEU A 319 8.84 3.13 23.05
C LEU A 319 10.11 2.61 23.75
N VAL A 320 10.76 3.48 24.50
CA VAL A 320 12.08 3.20 25.13
C VAL A 320 12.03 3.64 26.60
N GLY A 321 10.93 4.26 27.03
CA GLY A 321 10.77 4.70 28.41
C GLY A 321 11.85 5.67 28.82
N THR A 322 12.14 5.67 30.11
CA THR A 322 12.83 6.77 30.81
C THR A 322 13.97 6.19 31.68
N ASP A 323 14.03 4.85 31.81
CA ASP A 323 15.03 4.17 32.67
C ASP A 323 16.34 4.06 31.86
N GLU A 324 17.47 4.16 32.55
CA GLU A 324 18.82 4.34 31.95
C GLU A 324 19.16 3.13 31.07
N GLU A 325 19.00 1.91 31.58
CA GLU A 325 19.53 0.68 30.90
C GLU A 325 18.89 0.57 29.51
N LYS A 326 17.56 0.72 29.48
CA LYS A 326 16.67 0.66 28.29
C LYS A 326 17.05 1.72 27.25
N VAL A 327 17.22 2.99 27.67
CA VAL A 327 17.57 4.12 26.77
C VAL A 327 18.96 3.84 26.16
N TYR A 328 19.95 3.54 27.00
CA TYR A 328 21.33 3.20 26.55
C TYR A 328 21.26 2.07 25.51
N ALA A 329 20.68 0.92 25.88
CA ALA A 329 20.63 -0.33 25.07
C ALA A 329 19.98 -0.06 23.71
N ARG A 330 18.82 0.58 23.70
CA ARG A 330 18.08 0.80 22.43
C ARG A 330 18.81 1.84 21.60
N ALA A 331 19.40 2.88 22.20
CA ALA A 331 20.26 3.87 21.49
C ALA A 331 21.48 3.15 20.89
N LYS A 332 22.12 2.29 21.68
CA LYS A 332 23.30 1.50 21.24
C LYS A 332 22.90 0.69 20.00
N ALA A 333 21.81 -0.09 20.13
CA ALA A 333 21.28 -1.02 19.10
C ALA A 333 21.04 -0.26 17.81
N LEU A 334 20.34 0.88 17.87
CA LEU A 334 20.07 1.73 16.68
C LEU A 334 21.36 2.26 16.05
N LEU A 335 22.41 2.49 16.84
CA LEU A 335 23.61 3.17 16.30
C LEU A 335 24.65 2.16 15.75
N SER A 336 24.58 0.87 16.11
CA SER A 336 25.49 -0.19 15.61
C SER A 336 24.76 -1.14 14.64
N ASP A 337 23.72 -1.84 15.13
CA ASP A 337 22.93 -2.86 14.37
C ASP A 337 22.22 -2.19 13.19
N GLU A 338 22.85 -2.20 12.00
CA GLU A 338 22.35 -1.54 10.77
C GLU A 338 21.07 -2.24 10.27
N THR A 339 20.73 -3.43 10.80
CA THR A 339 19.50 -4.16 10.41
C THR A 339 18.29 -3.42 10.98
N THR A 340 18.25 -3.16 12.30
CA THR A 340 17.11 -2.48 12.97
C THR A 340 16.99 -1.04 12.44
N TYR A 341 18.11 -0.37 12.16
CA TYR A 341 18.10 1.03 11.67
C TYR A 341 17.44 1.08 10.28
N ALA A 342 17.90 0.27 9.33
CA ALA A 342 17.35 0.21 7.94
C ALA A 342 15.86 -0.13 7.99
N ARG A 343 15.44 -1.03 8.89
CA ARG A 343 14.02 -1.44 9.13
C ARG A 343 13.17 -0.21 9.52
N MET A 344 13.52 0.47 10.61
CA MET A 344 12.78 1.68 11.07
C MET A 344 12.88 2.79 10.01
N SER A 345 14.03 2.94 9.35
CA SER A 345 14.28 3.98 8.33
C SER A 345 13.49 3.76 7.05
N LYS A 346 13.21 2.50 6.67
CA LYS A 346 12.60 2.13 5.35
C LYS A 346 11.07 2.27 5.46
N ALA A 347 10.46 1.83 6.56
CA ALA A 347 9.02 1.98 6.88
C ALA A 347 8.57 3.41 6.57
N ALA A 348 7.49 3.56 5.81
CA ALA A 348 6.96 4.86 5.34
C ALA A 348 6.10 5.52 6.45
N ASN A 349 6.13 6.86 6.54
CA ASN A 349 5.43 7.64 7.59
C ASN A 349 3.96 7.27 7.54
N PRO A 350 3.39 6.50 8.51
CA PRO A 350 1.98 6.14 8.46
C PRO A 350 1.07 7.37 8.64
N TYR A 351 1.65 8.52 8.95
CA TYR A 351 0.96 9.80 9.23
C TYR A 351 0.79 10.60 7.95
N GLY A 352 1.52 10.27 6.88
CA GLY A 352 1.28 10.90 5.57
C GLY A 352 2.42 10.81 4.58
N ASP A 353 2.06 11.17 3.35
CA ASP A 353 2.76 11.17 2.03
C ASP A 353 3.47 12.48 1.71
N GLY A 354 3.01 13.57 2.31
CA GLY A 354 3.25 14.92 1.79
C GLY A 354 2.28 15.26 0.66
N LYS A 355 1.15 14.55 0.57
CA LYS A 355 0.10 14.80 -0.45
C LYS A 355 -1.30 14.79 0.17
N ALA A 356 -1.45 15.15 1.46
CA ALA A 356 -2.75 15.16 2.17
C ALA A 356 -3.62 16.31 1.63
N SER A 357 -3.06 17.49 1.45
CA SER A 357 -3.82 18.67 0.96
C SER A 357 -4.47 18.34 -0.39
N GLN A 358 -3.72 17.71 -1.29
CA GLN A 358 -4.18 17.23 -2.62
C GLN A 358 -5.43 16.37 -2.40
N ARG A 359 -5.37 15.37 -1.51
CA ARG A 359 -6.49 14.43 -1.30
C ARG A 359 -7.68 15.18 -0.68
N ILE A 360 -7.46 16.05 0.30
CA ILE A 360 -8.58 16.78 0.97
C ILE A 360 -9.29 17.64 -0.09
N VAL A 361 -8.55 18.34 -0.94
CA VAL A 361 -9.14 19.20 -2.01
C VAL A 361 -9.92 18.30 -2.97
N SER A 362 -9.35 17.16 -3.38
CA SER A 362 -10.09 16.21 -4.24
C SER A 362 -11.41 15.79 -3.57
N ALA A 363 -11.37 15.45 -2.27
CA ALA A 363 -12.55 15.03 -1.48
C ALA A 363 -13.61 16.14 -1.47
N ILE A 364 -13.22 17.40 -1.33
CA ILE A 364 -14.17 18.55 -1.35
C ILE A 364 -14.76 18.66 -2.74
N LEU A 365 -13.92 18.64 -3.78
CA LEU A 365 -14.34 18.69 -5.19
C LEU A 365 -15.30 17.54 -5.44
N HIS A 366 -14.97 16.33 -5.01
CA HIS A 366 -15.87 15.15 -5.20
C HIS A 366 -17.21 15.38 -4.49
N SER A 367 -17.19 15.83 -3.24
CA SER A 367 -18.42 15.96 -2.42
C SER A 367 -19.35 16.98 -3.09
N PHE A 368 -18.81 18.01 -3.76
CA PHE A 368 -19.65 19.02 -4.45
C PHE A 368 -19.97 18.63 -5.91
N GLY A 369 -19.69 17.39 -6.33
CA GLY A 369 -19.99 16.86 -7.68
C GLY A 369 -19.11 17.41 -8.80
N VAL A 370 -18.04 18.14 -8.50
CA VAL A 370 -17.12 18.69 -9.53
C VAL A 370 -16.24 17.54 -10.02
N LEU A 371 -15.66 16.75 -9.11
CA LEU A 371 -14.98 15.48 -9.47
C LEU A 371 -15.96 14.32 -9.29
N GLU A 372 -16.25 13.55 -10.34
CA GLU A 372 -17.22 12.42 -10.29
C GLU A 372 -16.57 11.22 -9.60
N GLU A 373 -15.24 11.11 -9.63
CA GLU A 373 -14.51 9.99 -8.99
C GLU A 373 -14.07 10.41 -7.57
N ARG A 374 -14.23 9.47 -6.63
CA ARG A 374 -13.68 9.51 -5.26
C ARG A 374 -12.17 9.37 -5.33
N PRO A 375 -11.36 10.30 -4.79
CA PRO A 375 -9.90 10.17 -4.82
C PRO A 375 -9.44 8.89 -4.12
N GLU A 376 -8.24 8.40 -4.45
CA GLU A 376 -7.62 7.20 -3.84
C GLU A 376 -7.21 7.57 -2.41
N PRO A 377 -7.61 6.79 -1.40
CA PRO A 377 -7.44 7.17 0.00
C PRO A 377 -6.07 7.68 0.49
N PHE A 378 -5.04 6.84 0.45
CA PHE A 378 -3.78 6.98 1.24
C PHE A 378 -3.69 5.76 2.14
N HIS A 379 -2.85 4.82 1.69
CA HIS A 379 -2.47 3.57 2.39
C HIS A 379 -0.98 3.34 2.14
N SER B 2 -22.61 -5.67 -38.77
CA SER B 2 -23.33 -6.29 -37.59
C SER B 2 -22.62 -7.57 -37.15
N LYS B 3 -22.13 -7.60 -35.91
CA LYS B 3 -21.08 -8.53 -35.45
C LYS B 3 -21.47 -9.14 -34.11
N VAL B 4 -20.76 -10.18 -33.66
CA VAL B 4 -20.85 -10.69 -32.26
C VAL B 4 -20.16 -9.66 -31.36
N LYS B 5 -20.92 -8.94 -30.53
CA LYS B 5 -20.38 -7.95 -29.58
C LYS B 5 -20.00 -8.69 -28.28
N VAL B 6 -18.70 -8.71 -28.00
CA VAL B 6 -18.05 -9.37 -26.85
C VAL B 6 -17.54 -8.30 -25.91
N MET B 7 -18.03 -8.28 -24.67
CA MET B 7 -17.53 -7.39 -23.60
C MET B 7 -16.76 -8.26 -22.61
N THR B 8 -15.50 -7.92 -22.41
CA THR B 8 -14.58 -8.56 -21.47
C THR B 8 -14.53 -7.71 -20.20
N VAL B 9 -14.71 -8.35 -19.04
CA VAL B 9 -14.80 -7.70 -17.71
C VAL B 9 -13.68 -8.25 -16.84
N PHE B 10 -12.86 -7.37 -16.27
CA PHE B 10 -11.81 -7.72 -15.28
C PHE B 10 -11.72 -6.60 -14.24
N GLY B 11 -11.15 -6.92 -13.07
CA GLY B 11 -11.17 -6.08 -11.85
C GLY B 11 -9.83 -5.92 -11.13
N VAL B 12 -8.90 -6.89 -11.20
CA VAL B 12 -7.62 -6.84 -10.42
C VAL B 12 -6.45 -7.07 -11.37
N ARG B 13 -5.26 -6.60 -11.00
CA ARG B 13 -4.03 -6.65 -11.84
C ARG B 13 -3.88 -8.05 -12.45
N PRO B 14 -3.85 -9.15 -11.66
CA PRO B 14 -3.71 -10.50 -12.22
C PRO B 14 -4.81 -10.94 -13.20
N GLU B 15 -6.05 -10.58 -12.89
CA GLU B 15 -7.22 -10.81 -13.78
C GLU B 15 -6.93 -10.12 -15.12
N ALA B 16 -6.39 -8.90 -15.09
CA ALA B 16 -6.18 -8.09 -16.31
C ALA B 16 -5.12 -8.76 -17.19
N ILE B 17 -4.07 -9.31 -16.60
CA ILE B 17 -2.91 -9.90 -17.35
C ILE B 17 -3.39 -11.14 -18.10
N LYS B 18 -4.19 -12.01 -17.48
CA LYS B 18 -4.71 -13.25 -18.12
C LYS B 18 -5.78 -12.91 -19.16
N MET B 19 -6.50 -11.79 -19.02
CA MET B 19 -7.54 -11.41 -19.99
C MET B 19 -6.95 -10.62 -21.17
N ALA B 20 -5.81 -9.96 -20.95
CA ALA B 20 -5.14 -9.11 -21.96
C ALA B 20 -4.92 -9.88 -23.26
N PRO B 21 -4.34 -11.09 -23.24
CA PRO B 21 -4.13 -11.81 -24.50
C PRO B 21 -5.43 -12.15 -25.24
N LEU B 22 -6.53 -12.30 -24.50
CA LEU B 22 -7.79 -12.79 -25.10
C LEU B 22 -8.44 -11.64 -25.86
N ILE B 23 -8.35 -10.43 -25.29
CA ILE B 23 -8.84 -9.14 -25.85
C ILE B 23 -8.08 -8.88 -27.16
N LEU B 24 -6.75 -8.98 -27.11
CA LEU B 24 -5.85 -8.80 -28.28
C LEU B 24 -6.24 -9.84 -29.35
N GLU B 25 -6.64 -11.04 -28.96
CA GLU B 25 -7.10 -12.08 -29.92
C GLU B 25 -8.47 -11.71 -30.48
N LEU B 26 -9.38 -11.22 -29.64
CA LEU B 26 -10.73 -10.77 -30.09
C LEU B 26 -10.59 -9.66 -31.15
N GLN B 27 -9.61 -8.74 -30.99
CA GLN B 27 -9.36 -7.55 -31.85
C GLN B 27 -8.84 -8.01 -33.23
N LYS B 28 -8.47 -9.28 -33.36
CA LYS B 28 -7.97 -9.89 -34.63
C LYS B 28 -9.11 -10.36 -35.53
N HIS B 29 -10.38 -10.19 -35.14
CA HIS B 29 -11.57 -10.69 -35.90
C HIS B 29 -12.59 -9.57 -36.15
N PRO B 30 -12.18 -8.41 -36.71
CA PRO B 30 -13.11 -7.30 -36.87
C PRO B 30 -14.25 -7.60 -37.84
N GLU B 31 -14.10 -8.57 -38.76
CA GLU B 31 -15.21 -9.01 -39.64
C GLU B 31 -16.32 -9.67 -38.81
N HIS B 32 -16.01 -10.35 -37.70
CA HIS B 32 -16.99 -11.19 -36.96
C HIS B 32 -17.30 -10.62 -35.56
N ILE B 33 -16.37 -9.93 -34.93
CA ILE B 33 -16.46 -9.56 -33.49
C ILE B 33 -16.20 -8.07 -33.33
N GLU B 34 -17.05 -7.39 -32.54
CA GLU B 34 -16.74 -6.06 -31.94
C GLU B 34 -16.27 -6.27 -30.49
N SER B 35 -15.02 -5.97 -30.18
CA SER B 35 -14.43 -6.22 -28.85
C SER B 35 -14.68 -4.98 -27.98
N ILE B 36 -15.30 -5.17 -26.81
CA ILE B 36 -15.61 -4.09 -25.82
C ILE B 36 -14.94 -4.47 -24.49
N VAL B 37 -14.30 -3.51 -23.82
CA VAL B 37 -13.57 -3.77 -22.54
C VAL B 37 -14.21 -2.96 -21.42
N CYS B 38 -14.62 -3.64 -20.34
CA CYS B 38 -15.23 -3.04 -19.11
C CYS B 38 -14.38 -3.38 -17.89
N VAL B 39 -13.80 -2.35 -17.25
CA VAL B 39 -13.00 -2.40 -15.99
C VAL B 39 -13.92 -2.11 -14.81
N THR B 40 -13.79 -2.88 -13.72
CA THR B 40 -14.60 -2.80 -12.48
C THR B 40 -13.68 -2.94 -11.27
N ALA B 41 -12.71 -2.02 -11.08
CA ALA B 41 -11.60 -2.16 -10.12
C ALA B 41 -11.90 -1.41 -8.81
N GLN B 42 -11.49 -2.01 -7.67
CA GLN B 42 -11.48 -1.40 -6.30
C GLN B 42 -10.03 -1.06 -5.89
N LEU B 47 -3.89 -0.46 -11.85
CA LEU B 47 -4.08 -1.33 -13.05
C LEU B 47 -3.52 -0.67 -14.32
N ASP B 48 -3.27 0.65 -14.30
CA ASP B 48 -2.96 1.49 -15.49
C ASP B 48 -1.58 1.12 -16.08
N GLN B 49 -0.77 0.32 -15.37
CA GLN B 49 0.53 -0.24 -15.86
C GLN B 49 0.26 -1.38 -16.85
N VAL B 50 -0.50 -2.40 -16.42
CA VAL B 50 -0.83 -3.64 -17.20
C VAL B 50 -1.48 -3.23 -18.52
N LEU B 51 -2.57 -2.46 -18.43
CA LEU B 51 -3.41 -1.97 -19.56
C LEU B 51 -2.57 -1.20 -20.59
N ASP B 52 -1.45 -0.61 -20.18
CA ASP B 52 -0.52 0.11 -21.09
C ASP B 52 0.42 -0.88 -21.78
N VAL B 53 0.96 -1.86 -21.04
CA VAL B 53 1.92 -2.89 -21.57
C VAL B 53 1.31 -3.62 -22.78
N PHE B 54 -0.01 -3.88 -22.76
CA PHE B 54 -0.76 -4.65 -23.79
C PHE B 54 -1.46 -3.74 -24.79
N ASN B 55 -1.52 -2.43 -24.50
CA ASN B 55 -2.10 -1.41 -25.42
C ASN B 55 -3.62 -1.63 -25.49
N ILE B 56 -4.28 -1.70 -24.33
CA ILE B 56 -5.73 -1.97 -24.24
C ILE B 56 -6.42 -0.72 -23.70
N LYS B 57 -7.47 -0.27 -24.41
CA LYS B 57 -8.31 0.90 -24.08
C LYS B 57 -9.63 0.42 -23.48
N PRO B 58 -9.83 0.54 -22.15
CA PRO B 58 -11.14 0.30 -21.57
C PRO B 58 -12.18 1.25 -22.18
N ASP B 59 -13.27 0.69 -22.71
CA ASP B 59 -14.44 1.43 -23.26
C ASP B 59 -15.32 1.92 -22.11
N TYR B 60 -15.40 1.14 -21.03
CA TYR B 60 -16.16 1.47 -19.80
C TYR B 60 -15.28 1.20 -18.59
N ASP B 61 -15.70 1.75 -17.46
CA ASP B 61 -14.90 1.78 -16.22
C ASP B 61 -15.79 2.25 -15.06
N LEU B 62 -16.09 1.39 -14.09
CA LEU B 62 -16.80 1.78 -12.84
C LEU B 62 -15.75 1.98 -11.74
N ASP B 63 -15.62 3.21 -11.24
CA ASP B 63 -14.49 3.65 -10.36
C ASP B 63 -14.80 3.25 -8.91
N ILE B 64 -14.98 1.94 -8.66
CA ILE B 64 -15.56 1.34 -7.41
C ILE B 64 -14.75 1.77 -6.17
N MET B 65 -15.44 2.21 -5.11
CA MET B 65 -14.89 2.96 -3.94
C MET B 65 -13.68 2.23 -3.33
N GLN B 69 -15.13 -1.24 2.51
CA GLN B 69 -15.93 -1.92 1.45
C GLN B 69 -16.15 -3.41 1.81
N THR B 70 -17.36 -3.75 2.28
CA THR B 70 -17.81 -5.14 2.51
C THR B 70 -17.94 -5.82 1.16
N LEU B 71 -18.13 -7.13 1.15
CA LEU B 71 -18.52 -7.87 -0.07
C LEU B 71 -19.87 -7.33 -0.55
N ASN B 72 -20.77 -6.97 0.37
CA ASN B 72 -22.13 -6.48 0.04
C ASN B 72 -22.06 -5.12 -0.69
N ASP B 73 -21.20 -4.19 -0.26
CA ASP B 73 -21.00 -2.84 -0.88
C ASP B 73 -20.54 -3.02 -2.32
N ILE B 74 -19.40 -3.70 -2.52
CA ILE B 74 -18.89 -4.12 -3.86
C ILE B 74 -20.07 -4.69 -4.67
N SER B 75 -20.77 -5.66 -4.10
CA SER B 75 -21.87 -6.38 -4.78
C SER B 75 -22.88 -5.36 -5.28
N VAL B 76 -23.38 -4.48 -4.41
CA VAL B 76 -24.39 -3.45 -4.81
C VAL B 76 -23.76 -2.53 -5.86
N ARG B 77 -22.52 -2.08 -5.66
CA ARG B 77 -21.90 -1.06 -6.54
C ARG B 77 -21.76 -1.63 -7.96
N VAL B 78 -21.13 -2.80 -8.12
CA VAL B 78 -20.91 -3.45 -9.45
C VAL B 78 -22.26 -3.64 -10.16
N LEU B 79 -23.28 -4.16 -9.48
CA LEU B 79 -24.62 -4.38 -10.10
C LEU B 79 -25.18 -3.05 -10.62
N GLN B 80 -25.18 -2.01 -9.78
CA GLN B 80 -25.63 -0.62 -10.12
C GLN B 80 -24.84 -0.10 -11.33
N GLY B 81 -23.51 -0.20 -11.31
CA GLY B 81 -22.61 0.23 -12.40
C GLY B 81 -22.87 -0.50 -13.73
N LEU B 82 -23.12 -1.80 -13.69
CA LEU B 82 -23.11 -2.64 -14.92
C LEU B 82 -24.46 -2.54 -15.63
N GLU B 83 -25.54 -2.20 -14.93
CA GLU B 83 -26.88 -2.17 -15.59
C GLU B 83 -26.86 -1.13 -16.71
N PRO B 84 -26.46 0.14 -16.48
CA PRO B 84 -26.28 1.12 -17.56
C PRO B 84 -25.33 0.71 -18.69
N VAL B 85 -24.21 0.09 -18.34
CA VAL B 85 -23.14 -0.27 -19.31
C VAL B 85 -23.69 -1.33 -20.26
N LEU B 86 -24.36 -2.35 -19.73
CA LEU B 86 -24.90 -3.45 -20.55
C LEU B 86 -26.15 -2.98 -21.33
N GLN B 87 -26.99 -2.12 -20.73
CA GLN B 87 -28.18 -1.50 -21.37
C GLN B 87 -27.74 -0.72 -22.61
N GLU B 88 -26.60 -0.03 -22.55
CA GLU B 88 -26.10 0.81 -23.67
C GLU B 88 -25.36 -0.09 -24.70
N ALA B 89 -24.29 -0.77 -24.28
CA ALA B 89 -23.38 -1.53 -25.18
C ALA B 89 -24.13 -2.72 -25.76
N LYS B 90 -25.11 -3.26 -25.05
CA LYS B 90 -25.95 -4.41 -25.53
C LYS B 90 -25.03 -5.48 -26.14
N PRO B 91 -24.02 -5.97 -25.40
CA PRO B 91 -23.19 -7.08 -25.87
C PRO B 91 -23.97 -8.37 -26.04
N ASP B 92 -23.55 -9.22 -26.98
CA ASP B 92 -24.12 -10.57 -27.20
C ASP B 92 -23.58 -11.56 -26.17
N ILE B 93 -22.34 -11.40 -25.72
CA ILE B 93 -21.76 -12.27 -24.67
C ILE B 93 -20.89 -11.39 -23.78
N VAL B 94 -20.91 -11.67 -22.47
CA VAL B 94 -19.97 -11.14 -21.45
C VAL B 94 -18.98 -12.25 -21.07
N LEU B 95 -17.71 -11.93 -21.15
CA LEU B 95 -16.59 -12.82 -20.77
C LEU B 95 -16.08 -12.34 -19.42
N VAL B 96 -15.93 -13.28 -18.48
CA VAL B 96 -15.47 -13.06 -17.08
C VAL B 96 -14.40 -14.11 -16.76
N HIS B 97 -13.55 -13.81 -15.79
CA HIS B 97 -12.34 -14.61 -15.53
C HIS B 97 -12.28 -15.07 -14.08
N GLY B 98 -11.96 -16.34 -13.87
CA GLY B 98 -11.53 -16.86 -12.57
C GLY B 98 -12.61 -16.81 -11.51
N ASP B 99 -12.22 -16.44 -10.30
CA ASP B 99 -13.02 -16.74 -9.10
C ASP B 99 -13.09 -15.50 -8.21
N THR B 100 -13.04 -14.33 -8.82
CA THR B 100 -13.24 -13.04 -8.13
C THR B 100 -14.74 -12.79 -7.90
N LEU B 101 -15.10 -11.92 -6.97
CA LEU B 101 -16.53 -11.59 -6.67
C LEU B 101 -17.13 -10.94 -7.91
N THR B 102 -16.31 -10.12 -8.57
CA THR B 102 -16.67 -9.30 -9.76
C THR B 102 -17.04 -10.20 -10.95
N THR B 103 -16.33 -11.30 -11.13
CA THR B 103 -16.62 -12.36 -12.13
C THR B 103 -18.05 -12.84 -11.90
N PHE B 104 -18.41 -13.14 -10.67
CA PHE B 104 -19.78 -13.61 -10.36
C PHE B 104 -20.76 -12.47 -10.63
N LEU B 105 -20.49 -11.28 -10.09
CA LEU B 105 -21.44 -10.13 -10.17
C LEU B 105 -21.72 -9.80 -11.65
N ALA B 106 -20.66 -9.75 -12.46
CA ALA B 106 -20.73 -9.44 -13.91
C ALA B 106 -21.56 -10.51 -14.60
N SER B 107 -21.35 -11.78 -14.25
CA SER B 107 -22.15 -12.92 -14.75
C SER B 107 -23.62 -12.73 -14.34
N TYR B 108 -23.88 -12.35 -13.07
CA TYR B 108 -25.25 -12.12 -12.54
C TYR B 108 -25.89 -10.92 -13.27
N ALA B 109 -25.15 -9.81 -13.43
CA ALA B 109 -25.65 -8.61 -14.16
C ALA B 109 -26.06 -9.01 -15.58
N ALA B 110 -25.22 -9.80 -16.25
CA ALA B 110 -25.47 -10.32 -17.62
C ALA B 110 -26.73 -11.20 -17.63
N PHE B 111 -26.85 -12.12 -16.68
CA PHE B 111 -27.97 -13.09 -16.62
C PHE B 111 -29.32 -12.36 -16.57
N MET B 112 -29.38 -11.29 -15.78
CA MET B 112 -30.65 -10.54 -15.55
C MET B 112 -31.13 -9.88 -16.87
N GLN B 113 -30.19 -9.53 -17.76
CA GLN B 113 -30.49 -8.96 -19.11
C GLN B 113 -30.54 -10.05 -20.19
N GLN B 114 -30.50 -11.33 -19.80
CA GLN B 114 -30.55 -12.48 -20.74
C GLN B 114 -29.40 -12.31 -21.76
N ILE B 115 -28.22 -11.94 -21.27
CA ILE B 115 -26.96 -11.81 -22.07
C ILE B 115 -26.08 -13.04 -21.77
N LYS B 116 -25.55 -13.69 -22.80
CA LYS B 116 -24.83 -14.98 -22.70
C LYS B 116 -23.57 -14.73 -21.87
N VAL B 117 -23.08 -15.76 -21.19
CA VAL B 117 -21.87 -15.60 -20.32
C VAL B 117 -20.88 -16.67 -20.70
N GLY B 118 -19.63 -16.23 -20.87
CA GLY B 118 -18.44 -17.04 -21.13
C GLY B 118 -17.50 -16.91 -19.97
N HIS B 119 -17.14 -18.03 -19.36
CA HIS B 119 -16.29 -18.05 -18.16
C HIS B 119 -14.88 -18.55 -18.52
N VAL B 120 -13.91 -17.66 -18.53
CA VAL B 120 -12.48 -17.95 -18.77
C VAL B 120 -11.89 -18.53 -17.49
N GLU B 121 -11.22 -19.69 -17.62
CA GLU B 121 -10.60 -20.43 -16.51
C GLU B 121 -11.69 -21.00 -15.59
N ALA B 122 -12.56 -21.81 -16.14
CA ALA B 122 -13.69 -22.41 -15.41
C ALA B 122 -13.28 -23.80 -14.86
N GLY B 123 -13.81 -24.21 -13.72
CA GLY B 123 -13.84 -25.63 -13.28
C GLY B 123 -12.87 -25.94 -12.17
N LEU B 124 -12.14 -24.94 -11.69
CA LEU B 124 -11.22 -25.11 -10.55
C LEU B 124 -12.10 -25.40 -9.32
N ARG B 125 -11.82 -26.45 -8.56
CA ARG B 125 -12.59 -26.80 -7.33
C ARG B 125 -11.71 -27.43 -6.27
N THR B 126 -11.94 -27.02 -5.00
CA THR B 126 -11.54 -27.73 -3.76
C THR B 126 -12.75 -28.48 -3.19
N TRP B 127 -13.96 -28.13 -3.64
CA TRP B 127 -15.22 -28.61 -3.03
C TRP B 127 -15.22 -28.29 -1.52
N ASN B 128 -14.58 -27.19 -1.12
CA ASN B 128 -14.62 -26.68 0.27
C ASN B 128 -14.91 -25.19 0.23
N LYS B 129 -16.13 -24.79 0.61
CA LYS B 129 -16.59 -23.37 0.58
C LYS B 129 -15.78 -22.52 1.57
N LEU B 130 -14.98 -23.15 2.44
CA LEU B 130 -14.21 -22.44 3.51
C LEU B 130 -12.71 -22.31 3.14
N SER B 131 -12.21 -23.06 2.14
CA SER B 131 -10.88 -22.77 1.52
C SER B 131 -10.83 -23.19 0.06
N PRO B 132 -10.66 -22.21 -0.85
CA PRO B 132 -10.63 -20.79 -0.46
C PRO B 132 -11.99 -20.07 -0.27
N PHE B 133 -12.04 -19.08 0.64
CA PHE B 133 -13.18 -18.16 0.87
C PHE B 133 -12.85 -16.76 0.38
N PRO B 134 -13.68 -16.06 -0.43
CA PRO B 134 -14.90 -16.61 -1.01
C PRO B 134 -14.77 -17.24 -2.41
N GLU B 135 -13.54 -17.45 -2.89
CA GLU B 135 -13.22 -17.84 -4.30
C GLU B 135 -13.92 -19.14 -4.72
N GLU B 136 -14.02 -20.16 -3.85
CA GLU B 136 -14.62 -21.46 -4.25
C GLU B 136 -16.12 -21.25 -4.51
N MET B 137 -16.79 -20.53 -3.61
CA MET B 137 -18.22 -20.18 -3.75
C MET B 137 -18.41 -19.28 -4.97
N ASN B 138 -17.54 -18.28 -5.16
CA ASN B 138 -17.62 -17.36 -6.32
C ASN B 138 -17.56 -18.16 -7.63
N ARG B 139 -16.58 -19.06 -7.81
CA ARG B 139 -16.44 -19.84 -9.07
C ARG B 139 -17.57 -20.86 -9.25
N GLN B 140 -18.17 -21.36 -8.16
CA GLN B 140 -19.36 -22.24 -8.28
C GLN B 140 -20.55 -21.40 -8.73
N LEU B 141 -20.74 -20.20 -8.14
CA LEU B 141 -21.86 -19.29 -8.52
C LEU B 141 -21.70 -18.93 -9.99
N THR B 142 -20.52 -18.46 -10.42
CA THR B 142 -20.21 -18.18 -11.86
C THR B 142 -20.55 -19.43 -12.70
N GLY B 143 -20.12 -20.59 -12.24
CA GLY B 143 -20.40 -21.89 -12.87
C GLY B 143 -21.88 -22.09 -13.16
N VAL B 144 -22.79 -21.66 -12.30
CA VAL B 144 -24.22 -21.88 -12.64
C VAL B 144 -24.70 -20.79 -13.64
N LEU B 145 -24.12 -19.61 -13.68
CA LEU B 145 -24.57 -18.55 -14.64
C LEU B 145 -23.92 -18.70 -16.04
N ALA B 146 -22.75 -19.32 -16.17
CA ALA B 146 -22.01 -19.39 -17.46
C ALA B 146 -22.82 -20.21 -18.48
N ASP B 147 -22.88 -19.74 -19.71
CA ASP B 147 -23.40 -20.50 -20.88
C ASP B 147 -22.24 -21.27 -21.52
N LEU B 148 -21.03 -20.70 -21.55
CA LEU B 148 -19.82 -21.33 -22.15
C LEU B 148 -18.78 -21.48 -21.03
N HIS B 149 -18.22 -22.68 -20.83
CA HIS B 149 -17.13 -22.91 -19.85
C HIS B 149 -15.81 -23.11 -20.60
N PHE B 150 -14.85 -22.20 -20.44
CA PHE B 150 -13.51 -22.31 -21.02
C PHE B 150 -12.62 -22.91 -19.94
N ALA B 151 -12.64 -24.25 -19.90
CA ALA B 151 -11.91 -25.06 -18.91
C ALA B 151 -10.46 -25.07 -19.36
N PRO B 152 -9.50 -24.75 -18.47
CA PRO B 152 -8.10 -24.78 -18.84
C PRO B 152 -7.61 -26.21 -19.14
N THR B 153 -8.17 -27.23 -18.47
CA THR B 153 -7.63 -28.62 -18.47
C THR B 153 -8.78 -29.63 -18.46
N ASP B 154 -8.49 -30.89 -18.79
CA ASP B 154 -9.50 -31.97 -18.75
C ASP B 154 -9.99 -32.17 -17.31
N TRP B 155 -9.12 -32.02 -16.34
CA TRP B 155 -9.46 -32.15 -14.90
C TRP B 155 -10.54 -31.10 -14.56
N SER B 156 -10.34 -29.85 -14.99
CA SER B 156 -11.28 -28.72 -14.80
C SER B 156 -12.63 -29.02 -15.41
N ALA B 157 -12.66 -29.47 -16.68
CA ALA B 157 -13.86 -29.95 -17.38
C ALA B 157 -14.53 -31.10 -16.61
N SER B 158 -13.76 -32.05 -16.06
CA SER B 158 -14.31 -33.17 -15.24
C SER B 158 -15.02 -32.63 -14.00
N ASN B 159 -14.45 -31.64 -13.31
CA ASN B 159 -15.17 -30.96 -12.18
C ASN B 159 -16.55 -30.47 -12.65
N LEU B 160 -16.63 -29.77 -13.78
CA LEU B 160 -17.88 -29.20 -14.33
C LEU B 160 -18.88 -30.32 -14.65
N ARG B 161 -18.43 -31.43 -15.28
CA ARG B 161 -19.32 -32.60 -15.52
C ARG B 161 -19.82 -33.20 -14.20
N LYS B 162 -18.99 -33.34 -13.17
CA LYS B 162 -19.44 -33.75 -11.82
C LYS B 162 -20.60 -32.88 -11.32
N GLU B 163 -20.75 -31.65 -11.84
CA GLU B 163 -21.79 -30.69 -11.39
C GLU B 163 -22.95 -30.73 -12.37
N ASN B 164 -22.94 -31.68 -13.31
CA ASN B 164 -24.03 -31.88 -14.29
C ASN B 164 -24.06 -30.72 -15.28
N LYS B 165 -22.95 -30.04 -15.54
CA LYS B 165 -22.90 -29.09 -16.68
C LYS B 165 -23.03 -29.87 -18.00
N GLN B 166 -23.75 -29.33 -18.97
CA GLN B 166 -23.96 -30.04 -20.26
C GLN B 166 -22.62 -30.03 -21.01
N ASP B 167 -22.27 -31.18 -21.60
CA ASP B 167 -20.96 -31.47 -22.23
C ASP B 167 -20.67 -30.48 -23.36
N ALA B 168 -21.66 -30.09 -24.14
CA ALA B 168 -21.52 -29.19 -25.31
C ALA B 168 -21.16 -27.75 -24.87
N SER B 169 -21.46 -27.38 -23.61
CA SER B 169 -21.16 -26.03 -23.06
C SER B 169 -19.72 -25.96 -22.57
N ILE B 170 -19.03 -27.09 -22.42
CA ILE B 170 -17.64 -27.15 -21.89
C ILE B 170 -16.65 -27.19 -23.06
N PHE B 171 -15.69 -26.27 -23.11
CA PHE B 171 -14.58 -26.30 -24.09
C PHE B 171 -13.27 -26.34 -23.33
N VAL B 172 -12.42 -27.36 -23.54
CA VAL B 172 -11.09 -27.28 -22.90
C VAL B 172 -10.15 -26.58 -23.89
N THR B 173 -9.68 -25.41 -23.44
CA THR B 173 -9.02 -24.36 -24.25
C THR B 173 -7.55 -24.26 -23.85
N GLY B 174 -7.19 -24.78 -22.66
CA GLY B 174 -5.95 -24.35 -22.01
C GLY B 174 -6.16 -22.99 -21.35
N ASN B 175 -5.14 -22.54 -20.61
CA ASN B 175 -5.16 -21.32 -19.78
C ASN B 175 -4.48 -20.18 -20.54
N THR B 176 -5.11 -19.01 -20.56
CA THR B 176 -4.61 -17.80 -21.24
C THR B 176 -3.34 -17.31 -20.58
N VAL B 177 -2.95 -17.79 -19.40
CA VAL B 177 -1.64 -17.39 -18.80
C VAL B 177 -0.51 -17.73 -19.79
N THR B 178 -0.58 -18.85 -20.51
CA THR B 178 0.49 -19.32 -21.41
C THR B 178 0.47 -18.49 -22.71
N ASP B 179 -0.59 -17.71 -22.93
CA ASP B 179 -0.72 -16.77 -24.07
C ASP B 179 0.01 -15.45 -23.81
N VAL B 180 0.47 -15.13 -22.61
CA VAL B 180 0.95 -13.74 -22.37
C VAL B 180 2.45 -13.60 -22.70
N PHE B 181 3.21 -14.70 -22.82
CA PHE B 181 4.69 -14.66 -23.00
C PHE B 181 5.05 -13.95 -24.32
N GLN B 182 4.27 -14.19 -25.38
CA GLN B 182 4.42 -13.50 -26.70
C GLN B 182 4.53 -11.99 -26.51
N TYR B 183 3.79 -11.43 -25.54
CA TYR B 183 3.63 -9.95 -25.38
C TYR B 183 4.65 -9.42 -24.38
N THR B 184 5.15 -10.27 -23.50
CA THR B 184 6.02 -9.81 -22.37
C THR B 184 7.47 -10.19 -22.63
N VAL B 185 7.73 -11.31 -23.31
CA VAL B 185 9.12 -11.79 -23.56
C VAL B 185 9.71 -11.05 -24.78
N ARG B 186 10.89 -10.45 -24.61
CA ARG B 186 11.70 -9.79 -25.68
C ARG B 186 13.10 -10.44 -25.71
N SER B 187 13.60 -10.84 -26.89
CA SER B 187 15.01 -11.31 -27.11
C SER B 187 16.00 -10.20 -26.71
N ASP B 188 15.62 -8.94 -26.88
CA ASP B 188 16.40 -7.70 -26.59
C ASP B 188 16.62 -7.51 -25.07
N TYR B 189 16.12 -8.41 -24.21
CA TYR B 189 16.05 -8.22 -22.74
C TYR B 189 17.43 -8.44 -22.10
N LYS B 190 17.80 -7.52 -21.21
CA LYS B 190 19.09 -7.54 -20.45
C LYS B 190 18.76 -7.27 -18.98
N HIS B 191 19.59 -7.80 -18.08
CA HIS B 191 19.45 -7.61 -16.61
C HIS B 191 20.77 -7.96 -15.91
N GLU B 192 21.24 -7.09 -15.02
CA GLU B 192 22.48 -7.29 -14.21
C GLU B 192 22.60 -8.78 -13.82
N VAL B 193 21.55 -9.31 -13.21
CA VAL B 193 21.51 -10.65 -12.56
C VAL B 193 21.63 -11.72 -13.63
N LEU B 194 21.03 -11.51 -14.81
CA LEU B 194 21.25 -12.38 -15.99
C LEU B 194 22.74 -12.36 -16.35
N ASP B 195 23.39 -11.20 -16.32
CA ASP B 195 24.84 -11.07 -16.67
C ASP B 195 25.66 -11.81 -15.61
N TRP B 196 25.36 -11.56 -14.34
CA TRP B 196 25.98 -12.27 -13.20
C TRP B 196 25.88 -13.79 -13.40
N ALA B 197 24.78 -14.28 -13.96
CA ALA B 197 24.46 -15.72 -14.10
C ALA B 197 25.07 -16.30 -15.38
N GLN B 198 25.61 -15.45 -16.26
CA GLN B 198 26.05 -15.84 -17.63
C GLN B 198 27.13 -16.92 -17.51
N GLY B 199 26.97 -18.03 -18.24
CA GLY B 199 27.91 -19.17 -18.27
C GLY B 199 27.51 -20.27 -17.30
N LYS B 200 26.46 -20.02 -16.49
CA LYS B 200 26.06 -20.91 -15.36
C LYS B 200 24.63 -21.39 -15.58
N ARG B 201 24.25 -22.49 -14.93
CA ARG B 201 22.86 -23.00 -14.84
C ARG B 201 22.11 -22.16 -13.80
N LEU B 202 21.23 -21.26 -14.25
CA LEU B 202 20.48 -20.32 -13.36
C LEU B 202 19.36 -21.11 -12.64
N VAL B 203 19.45 -21.17 -11.31
CA VAL B 203 18.41 -21.78 -10.42
C VAL B 203 17.60 -20.66 -9.76
N LEU B 204 16.35 -20.47 -10.20
CA LEU B 204 15.47 -19.38 -9.70
C LEU B 204 14.61 -19.96 -8.57
N MET B 205 14.72 -19.38 -7.37
CA MET B 205 13.93 -19.79 -6.19
C MET B 205 13.06 -18.62 -5.72
N THR B 206 11.79 -18.90 -5.39
CA THR B 206 10.89 -17.98 -4.63
C THR B 206 10.23 -18.74 -3.49
N ALA B 207 9.86 -18.00 -2.43
CA ALA B 207 9.26 -18.52 -1.18
C ALA B 207 8.32 -17.45 -0.60
N HIS B 208 7.08 -17.42 -1.09
CA HIS B 208 6.12 -16.30 -0.86
C HIS B 208 5.11 -16.66 0.25
N ARG B 209 4.77 -17.95 0.42
CA ARG B 209 3.70 -18.37 1.35
C ARG B 209 4.11 -17.98 2.78
N ARG B 210 3.21 -17.31 3.50
CA ARG B 210 3.37 -16.89 4.91
C ARG B 210 3.47 -18.15 5.79
N GLU B 211 2.85 -19.27 5.39
CA GLU B 211 2.73 -20.52 6.20
C GLU B 211 4.11 -21.12 6.52
N SER B 212 5.10 -20.94 5.66
CA SER B 212 6.44 -21.55 5.79
C SER B 212 7.46 -20.60 6.44
N GLN B 213 7.05 -19.41 6.84
CA GLN B 213 7.99 -18.30 7.19
C GLN B 213 8.45 -18.53 8.65
N GLY B 214 9.63 -19.13 8.81
CA GLY B 214 10.22 -19.57 10.10
C GLY B 214 11.18 -20.73 9.88
N GLU B 215 10.90 -21.90 10.44
CA GLU B 215 11.83 -23.07 10.37
C GLU B 215 11.73 -23.80 9.03
N PRO B 216 10.58 -23.87 8.34
CA PRO B 216 10.56 -24.37 6.96
C PRO B 216 11.51 -23.57 6.05
N HIS B 217 11.51 -22.23 6.16
CA HIS B 217 12.44 -21.38 5.36
C HIS B 217 13.88 -21.73 5.74
N ARG B 218 14.16 -21.93 7.02
CA ARG B 218 15.52 -22.25 7.55
C ARG B 218 15.97 -23.60 6.96
N ASN B 219 15.07 -24.58 6.92
CA ASN B 219 15.33 -25.91 6.31
C ASN B 219 15.65 -25.74 4.81
N ILE B 220 14.91 -24.88 4.12
CA ILE B 220 15.04 -24.67 2.65
C ILE B 220 16.38 -23.97 2.44
N PHE B 221 16.61 -22.88 3.16
CA PHE B 221 17.84 -22.05 3.07
C PHE B 221 19.06 -22.95 3.28
N ARG B 222 19.00 -23.90 4.22
CA ARG B 222 20.11 -24.85 4.51
C ARG B 222 20.35 -25.74 3.30
N ALA B 223 19.27 -26.21 2.68
CA ALA B 223 19.34 -27.14 1.54
C ALA B 223 19.96 -26.38 0.36
N VAL B 224 19.52 -25.13 0.17
CA VAL B 224 19.98 -24.23 -0.92
C VAL B 224 21.47 -23.95 -0.71
N ARG B 225 21.89 -23.63 0.51
CA ARG B 225 23.31 -23.37 0.86
C ARG B 225 24.15 -24.59 0.45
N ARG B 226 23.79 -25.81 0.87
CA ARG B 226 24.56 -27.04 0.54
C ARG B 226 24.63 -27.23 -0.97
N ILE B 227 23.59 -26.83 -1.71
CA ILE B 227 23.55 -26.95 -3.20
C ILE B 227 24.50 -25.87 -3.76
N ALA B 228 24.54 -24.69 -3.17
CA ALA B 228 25.41 -23.57 -3.62
C ALA B 228 26.89 -23.94 -3.38
N ASP B 229 27.21 -24.56 -2.24
CA ASP B 229 28.58 -25.03 -1.93
C ASP B 229 28.98 -26.10 -2.97
N GLU B 230 28.06 -26.99 -3.31
CA GLU B 230 28.39 -28.27 -3.99
C GLU B 230 28.64 -28.09 -5.50
N PHE B 231 27.86 -27.23 -6.18
CA PHE B 231 27.75 -27.15 -7.67
C PHE B 231 28.46 -25.89 -8.20
N GLU B 232 29.54 -26.09 -8.96
CA GLU B 232 30.44 -25.05 -9.51
C GLU B 232 29.75 -24.34 -10.70
N ASP B 233 28.85 -25.03 -11.42
CA ASP B 233 28.25 -24.56 -12.71
C ASP B 233 26.83 -24.01 -12.49
N ILE B 234 26.58 -23.38 -11.35
CA ILE B 234 25.23 -23.01 -10.87
C ILE B 234 25.25 -21.58 -10.36
N ALA B 235 24.21 -20.83 -10.66
CA ALA B 235 23.98 -19.46 -10.14
C ALA B 235 22.55 -19.39 -9.60
N ILE B 236 22.38 -19.22 -8.30
CA ILE B 236 21.06 -19.16 -7.62
C ILE B 236 20.62 -17.70 -7.48
N VAL B 237 19.45 -17.41 -8.05
CA VAL B 237 18.71 -16.12 -7.99
C VAL B 237 17.50 -16.33 -7.07
N TYR B 238 17.44 -15.54 -6.00
CA TYR B 238 16.36 -15.54 -4.99
C TYR B 238 15.82 -14.12 -4.89
N PRO B 239 14.73 -13.78 -5.62
CA PRO B 239 13.99 -12.54 -5.36
C PRO B 239 13.19 -12.72 -4.07
N VAL B 240 13.63 -12.10 -2.98
CA VAL B 240 13.17 -12.47 -1.62
C VAL B 240 11.89 -11.69 -1.27
N HIS B 241 11.01 -12.33 -0.50
CA HIS B 241 9.80 -11.71 0.10
C HIS B 241 10.27 -10.51 0.93
N PRO B 242 9.74 -9.30 0.69
CA PRO B 242 10.34 -8.07 1.24
C PRO B 242 10.14 -7.94 2.76
N SER B 243 9.25 -8.75 3.33
CA SER B 243 8.97 -8.80 4.79
C SER B 243 10.22 -9.22 5.56
N PRO B 244 10.57 -8.50 6.66
CA PRO B 244 11.76 -8.82 7.45
C PRO B 244 11.75 -10.24 8.05
N ALA B 245 10.60 -10.86 8.23
CA ALA B 245 10.53 -12.24 8.78
C ALA B 245 11.10 -13.25 7.75
N VAL B 246 11.24 -12.87 6.48
CA VAL B 246 11.91 -13.67 5.40
C VAL B 246 13.27 -13.07 5.01
N ARG B 247 13.29 -11.77 4.64
CA ARG B 247 14.48 -11.02 4.11
C ARG B 247 15.64 -11.14 5.11
N GLU B 248 15.35 -11.18 6.41
CA GLU B 248 16.40 -11.27 7.47
C GLU B 248 17.01 -12.67 7.51
N PRO B 249 16.28 -13.77 7.77
CA PRO B 249 16.90 -15.09 7.75
C PRO B 249 17.58 -15.41 6.41
N ALA B 250 17.00 -14.93 5.30
CA ALA B 250 17.57 -15.08 3.95
C ALA B 250 18.95 -14.44 3.93
N HIS B 251 19.03 -13.12 4.20
CA HIS B 251 20.28 -12.30 4.06
C HIS B 251 21.30 -12.80 5.08
N GLU B 252 20.83 -13.32 6.21
CA GLU B 252 21.66 -13.92 7.30
C GLU B 252 22.28 -15.22 6.79
N MET B 253 21.48 -16.10 6.16
CA MET B 253 21.84 -17.52 5.91
C MET B 253 22.41 -17.72 4.50
N LEU B 254 22.11 -16.82 3.55
CA LEU B 254 22.45 -17.00 2.11
C LEU B 254 23.18 -15.78 1.55
N GLY B 255 23.23 -14.67 2.29
CA GLY B 255 23.66 -13.36 1.76
C GLY B 255 25.17 -13.24 1.58
N ASP B 256 25.93 -14.23 2.08
CA ASP B 256 27.42 -14.28 2.05
C ASP B 256 27.90 -15.07 0.83
N HIS B 257 27.07 -15.96 0.28
CA HIS B 257 27.50 -16.98 -0.72
C HIS B 257 27.65 -16.36 -2.12
N PRO B 258 28.86 -16.44 -2.73
CA PRO B 258 29.10 -15.86 -4.04
C PRO B 258 28.34 -16.53 -5.21
N ARG B 259 27.72 -17.68 -4.97
CA ARG B 259 26.95 -18.45 -5.98
C ARG B 259 25.44 -18.22 -5.76
N ILE B 260 25.06 -17.32 -4.85
CA ILE B 260 23.65 -16.88 -4.57
C ILE B 260 23.55 -15.37 -4.71
N LYS B 261 22.59 -14.87 -5.50
CA LYS B 261 22.25 -13.43 -5.60
C LYS B 261 20.83 -13.24 -5.05
N LEU B 262 20.71 -12.69 -3.82
CA LEU B 262 19.43 -12.22 -3.24
C LEU B 262 19.11 -10.86 -3.85
N ILE B 263 17.90 -10.67 -4.37
CA ILE B 263 17.47 -9.39 -4.99
C ILE B 263 16.00 -9.14 -4.60
N ASP B 264 15.48 -7.99 -5.05
CA ASP B 264 14.08 -7.57 -4.79
C ASP B 264 13.15 -8.38 -5.67
N PRO B 265 11.87 -8.57 -5.29
CA PRO B 265 10.90 -9.29 -6.11
C PRO B 265 10.87 -8.73 -7.54
N LEU B 266 10.71 -9.62 -8.52
CA LEU B 266 10.73 -9.27 -9.97
C LEU B 266 9.33 -8.83 -10.41
N ASP B 267 9.26 -7.77 -11.23
CA ASP B 267 8.07 -7.41 -12.05
C ASP B 267 7.68 -8.65 -12.88
N VAL B 268 6.40 -8.78 -13.22
CA VAL B 268 5.86 -9.93 -14.01
C VAL B 268 6.64 -10.01 -15.33
N VAL B 269 6.81 -8.87 -16.01
CA VAL B 269 7.53 -8.79 -17.32
C VAL B 269 8.99 -9.26 -17.16
N ASP B 270 9.62 -8.96 -16.02
CA ASP B 270 11.02 -9.35 -15.73
C ASP B 270 11.06 -10.87 -15.50
N LEU B 271 10.23 -11.37 -14.59
CA LEU B 271 10.07 -12.82 -14.31
C LEU B 271 9.91 -13.59 -15.62
N HIS B 272 8.94 -13.20 -16.46
CA HIS B 272 8.72 -13.86 -17.77
C HIS B 272 10.03 -13.85 -18.57
N ASN B 273 10.78 -12.75 -18.48
CA ASN B 273 12.02 -12.58 -19.29
C ASN B 273 13.18 -13.37 -18.69
N PHE B 274 13.08 -13.81 -17.44
CA PHE B 274 14.08 -14.70 -16.81
C PHE B 274 13.90 -16.11 -17.34
N TYR B 275 12.66 -16.50 -17.66
CA TYR B 275 12.30 -17.93 -17.91
C TYR B 275 13.17 -18.54 -18.99
N PRO B 276 13.43 -17.87 -20.15
CA PRO B 276 14.22 -18.46 -21.24
C PRO B 276 15.67 -18.76 -20.78
N HIS B 277 16.11 -18.05 -19.74
CA HIS B 277 17.49 -18.17 -19.19
C HIS B 277 17.55 -19.11 -17.99
N THR B 278 16.45 -19.71 -17.50
CA THR B 278 16.55 -20.45 -16.21
C THR B 278 16.49 -21.96 -16.44
N HIS B 279 17.34 -22.67 -15.70
CA HIS B 279 17.56 -24.12 -15.80
C HIS B 279 16.57 -24.86 -14.91
N LEU B 280 16.29 -24.32 -13.73
CA LEU B 280 15.57 -25.04 -12.67
C LEU B 280 14.87 -24.02 -11.77
N ILE B 281 13.69 -24.37 -11.26
CA ILE B 281 12.97 -23.53 -10.27
C ILE B 281 12.67 -24.35 -9.01
N LEU B 282 12.86 -23.72 -7.84
CA LEU B 282 12.27 -24.09 -6.53
C LEU B 282 11.32 -22.95 -6.14
N THR B 283 10.03 -23.26 -5.98
CA THR B 283 9.00 -22.29 -5.55
C THR B 283 7.89 -22.96 -4.77
N ASP B 284 7.12 -22.12 -4.08
CA ASP B 284 5.74 -22.39 -3.61
C ASP B 284 4.74 -21.49 -4.38
N SER B 285 5.18 -20.77 -5.41
CA SER B 285 4.29 -19.96 -6.28
C SER B 285 3.44 -20.86 -7.20
N GLY B 286 2.11 -20.74 -7.08
CA GLY B 286 1.19 -21.32 -8.08
C GLY B 286 1.44 -20.72 -9.45
N GLY B 287 1.88 -19.46 -9.49
CA GLY B 287 2.20 -18.74 -10.74
C GLY B 287 3.31 -19.42 -11.51
N LEU B 288 4.50 -19.56 -10.90
CA LEU B 288 5.69 -20.19 -11.53
C LEU B 288 5.32 -21.61 -11.97
N GLN B 289 4.53 -22.33 -11.16
CA GLN B 289 4.11 -23.73 -11.46
C GLN B 289 3.25 -23.78 -12.73
N GLU B 290 2.43 -22.75 -12.96
CA GLU B 290 1.57 -22.66 -14.19
C GLU B 290 2.42 -22.27 -15.39
N GLU B 291 3.44 -21.43 -15.21
CA GLU B 291 4.12 -20.70 -16.31
C GLU B 291 5.37 -21.43 -16.80
N ALA B 292 6.31 -21.68 -15.90
CA ALA B 292 7.69 -22.14 -16.20
C ALA B 292 7.71 -23.36 -17.13
N PRO B 293 6.78 -24.34 -17.03
CA PRO B 293 6.86 -25.52 -17.89
C PRO B 293 6.61 -25.19 -19.36
N SER B 294 6.15 -23.97 -19.69
CA SER B 294 6.04 -23.51 -21.10
C SER B 294 7.46 -23.34 -21.66
N PHE B 295 8.45 -23.13 -20.78
CA PHE B 295 9.87 -22.92 -21.16
C PHE B 295 10.66 -24.20 -20.90
N GLY B 296 9.97 -25.32 -20.70
CA GLY B 296 10.56 -26.62 -20.33
C GLY B 296 11.46 -26.54 -19.11
N ILE B 297 11.08 -25.75 -18.11
CA ILE B 297 11.91 -25.69 -16.88
C ILE B 297 11.22 -26.47 -15.78
N PRO B 298 11.87 -27.54 -15.29
CA PRO B 298 11.34 -28.34 -14.20
C PRO B 298 11.18 -27.47 -12.94
N VAL B 299 10.12 -27.74 -12.17
CA VAL B 299 9.80 -26.99 -10.94
C VAL B 299 9.74 -27.99 -9.78
N LEU B 300 10.54 -27.74 -8.75
CA LEU B 300 10.43 -28.45 -7.46
C LEU B 300 9.60 -27.54 -6.56
N VAL B 301 8.47 -28.08 -6.08
CA VAL B 301 7.46 -27.28 -5.32
C VAL B 301 7.74 -27.43 -3.83
N LEU B 302 7.96 -26.30 -3.17
CA LEU B 302 8.34 -26.23 -1.73
C LEU B 302 7.05 -26.27 -0.90
N ARG B 303 6.35 -27.40 -0.97
CA ARG B 303 4.99 -27.63 -0.36
C ARG B 303 4.80 -29.14 -0.21
N GLU B 304 4.03 -29.56 0.81
CA GLU B 304 3.66 -30.98 1.06
C GLU B 304 2.51 -31.39 0.13
N THR B 305 1.62 -30.44 -0.20
CA THR B 305 0.53 -30.60 -1.18
C THR B 305 0.38 -29.35 -2.06
N THR B 306 -0.39 -29.48 -3.14
CA THR B 306 -0.87 -28.33 -3.96
C THR B 306 -2.36 -28.55 -4.28
N GLU B 307 -3.15 -27.48 -4.34
CA GLU B 307 -4.52 -27.51 -4.91
C GLU B 307 -4.38 -27.39 -6.44
N ARG B 308 -4.68 -28.47 -7.19
CA ARG B 308 -4.44 -28.63 -8.66
C ARG B 308 -3.60 -29.88 -8.91
N PRO B 309 -4.17 -30.99 -9.44
CA PRO B 309 -3.37 -32.16 -9.81
C PRO B 309 -2.61 -32.20 -11.15
N GLU B 310 -2.95 -31.31 -12.10
CA GLU B 310 -2.56 -31.50 -13.53
C GLU B 310 -1.03 -31.44 -13.68
N GLY B 311 -0.35 -30.58 -12.93
CA GLY B 311 1.12 -30.45 -12.96
C GLY B 311 1.82 -31.75 -12.55
N ILE B 312 1.41 -32.28 -11.40
CA ILE B 312 1.98 -33.52 -10.80
C ILE B 312 1.73 -34.66 -11.77
N ASP B 313 0.53 -34.69 -12.37
CA ASP B 313 0.05 -35.77 -13.26
C ASP B 313 0.96 -35.78 -14.48
N ALA B 314 1.09 -34.63 -15.16
CA ALA B 314 2.16 -34.40 -16.14
C ALA B 314 3.43 -34.42 -15.30
N GLY B 315 4.60 -34.58 -15.88
CA GLY B 315 5.81 -34.59 -15.03
C GLY B 315 6.40 -33.19 -14.84
N THR B 316 5.62 -32.11 -15.01
CA THR B 316 6.18 -30.73 -15.06
C THR B 316 6.61 -30.27 -13.66
N LEU B 317 5.97 -30.78 -12.62
CA LEU B 317 6.18 -30.37 -11.22
C LEU B 317 6.45 -31.61 -10.37
N GLU B 318 7.23 -31.43 -9.30
CA GLU B 318 7.44 -32.45 -8.24
C GLU B 318 7.27 -31.76 -6.89
N LEU B 319 6.42 -32.32 -6.03
CA LEU B 319 6.25 -31.94 -4.61
C LEU B 319 7.48 -32.44 -3.85
N VAL B 320 8.11 -31.55 -3.09
CA VAL B 320 9.47 -31.72 -2.53
C VAL B 320 9.42 -31.30 -1.05
N GLY B 321 8.36 -30.59 -0.65
CA GLY B 321 8.16 -30.20 0.74
C GLY B 321 9.09 -29.09 1.15
N THR B 322 9.35 -28.98 2.45
CA THR B 322 10.15 -27.89 3.08
C THR B 322 11.26 -28.47 3.98
N ASP B 323 11.30 -29.81 4.13
CA ASP B 323 12.34 -30.54 4.90
C ASP B 323 13.70 -30.48 4.17
N GLU B 324 14.74 -30.07 4.88
CA GLU B 324 16.12 -29.85 4.35
C GLU B 324 16.55 -30.98 3.40
N GLU B 325 16.49 -32.24 3.84
CA GLU B 325 17.15 -33.40 3.14
C GLU B 325 16.52 -33.62 1.76
N LYS B 326 15.19 -33.62 1.67
CA LYS B 326 14.44 -33.89 0.41
C LYS B 326 14.60 -32.71 -0.55
N VAL B 327 14.50 -31.48 -0.07
CA VAL B 327 14.78 -30.26 -0.89
C VAL B 327 16.19 -30.46 -1.50
N TYR B 328 17.19 -30.72 -0.66
CA TYR B 328 18.59 -30.96 -1.10
C TYR B 328 18.64 -32.06 -2.16
N ALA B 329 18.12 -33.25 -1.82
CA ALA B 329 18.22 -34.50 -2.60
C ALA B 329 17.55 -34.33 -3.97
N ARG B 330 16.36 -33.73 -3.98
CA ARG B 330 15.56 -33.54 -5.22
C ARG B 330 16.22 -32.45 -6.06
N ALA B 331 16.75 -31.40 -5.42
CA ALA B 331 17.53 -30.33 -6.10
C ALA B 331 18.80 -30.97 -6.70
N LYS B 332 19.51 -31.77 -5.93
CA LYS B 332 20.78 -32.43 -6.38
C LYS B 332 20.47 -33.31 -7.60
N ALA B 333 19.49 -34.21 -7.46
CA ALA B 333 19.00 -35.09 -8.55
C ALA B 333 18.74 -34.28 -9.83
N LEU B 334 17.93 -33.22 -9.77
CA LEU B 334 17.54 -32.47 -10.99
C LEU B 334 18.77 -31.82 -11.63
N LEU B 335 19.77 -31.47 -10.82
CA LEU B 335 21.00 -30.83 -11.32
C LEU B 335 22.01 -31.87 -11.81
N SER B 336 21.89 -33.13 -11.37
CA SER B 336 22.92 -34.19 -11.57
C SER B 336 22.59 -35.03 -12.81
N ASP B 337 21.48 -35.77 -12.78
CA ASP B 337 21.11 -36.69 -13.88
C ASP B 337 20.10 -36.00 -14.78
N GLU B 338 20.49 -35.75 -16.03
CA GLU B 338 19.54 -35.75 -17.18
C GLU B 338 18.75 -37.06 -17.04
N THR B 339 17.79 -37.32 -17.91
CA THR B 339 16.81 -38.45 -17.81
C THR B 339 15.73 -38.10 -16.76
N THR B 340 16.11 -37.49 -15.64
CA THR B 340 15.14 -36.89 -14.67
C THR B 340 14.82 -35.46 -15.10
N TYR B 341 15.86 -34.66 -15.33
CA TYR B 341 15.72 -33.29 -15.87
C TYR B 341 14.95 -33.39 -17.17
N ALA B 342 15.31 -34.34 -18.04
CA ALA B 342 14.78 -34.50 -19.41
C ALA B 342 13.30 -34.87 -19.35
N ARG B 343 12.93 -35.80 -18.47
CA ARG B 343 11.51 -36.24 -18.31
C ARG B 343 10.65 -35.01 -18.02
N MET B 344 11.08 -34.18 -17.07
CA MET B 344 10.33 -32.99 -16.58
C MET B 344 10.32 -31.87 -17.63
N SER B 345 11.45 -31.62 -18.32
CA SER B 345 11.63 -30.48 -19.25
C SER B 345 10.77 -30.67 -20.51
N LYS B 346 10.59 -31.91 -20.97
CA LYS B 346 10.05 -32.26 -22.32
C LYS B 346 8.52 -32.36 -22.26
N ALA B 347 7.98 -32.85 -21.14
CA ALA B 347 6.52 -32.97 -20.87
C ALA B 347 5.85 -31.61 -21.15
N ALA B 348 4.76 -31.66 -21.92
CA ALA B 348 4.04 -30.47 -22.44
C ALA B 348 3.28 -29.83 -21.26
N ASN B 349 3.38 -28.52 -21.08
CA ASN B 349 2.64 -27.78 -20.02
C ASN B 349 1.17 -28.16 -20.13
N PRO B 350 0.61 -28.95 -19.16
CA PRO B 350 -0.80 -29.32 -19.21
C PRO B 350 -1.78 -28.14 -19.02
N TYR B 351 -1.27 -26.98 -18.62
CA TYR B 351 -2.08 -25.74 -18.44
C TYR B 351 -2.22 -24.92 -19.72
N GLY B 352 -1.56 -25.28 -20.83
CA GLY B 352 -1.70 -24.50 -22.08
C GLY B 352 -0.46 -24.51 -22.97
N ASP B 353 -0.67 -24.20 -24.25
CA ASP B 353 0.33 -24.21 -25.35
C ASP B 353 0.45 -22.82 -25.99
N GLY B 354 -0.04 -21.78 -25.35
CA GLY B 354 -0.02 -20.40 -25.86
C GLY B 354 -1.14 -20.08 -26.85
N LYS B 355 -2.13 -20.97 -27.04
CA LYS B 355 -3.17 -20.83 -28.10
C LYS B 355 -4.58 -20.85 -27.48
N ALA B 356 -4.68 -20.61 -26.18
CA ALA B 356 -5.97 -20.71 -25.46
C ALA B 356 -6.94 -19.65 -26.00
N SER B 357 -6.46 -18.44 -26.16
CA SER B 357 -7.28 -17.27 -26.59
C SER B 357 -7.91 -17.61 -27.94
N GLN B 358 -7.13 -18.17 -28.84
CA GLN B 358 -7.55 -18.59 -30.21
C GLN B 358 -8.71 -19.57 -30.03
N ARG B 359 -8.55 -20.60 -29.18
CA ARG B 359 -9.59 -21.63 -28.94
C ARG B 359 -10.83 -20.98 -28.31
N ILE B 360 -10.67 -19.99 -27.42
CA ILE B 360 -11.86 -19.35 -26.78
C ILE B 360 -12.68 -18.59 -27.84
N VAL B 361 -12.02 -17.81 -28.69
CA VAL B 361 -12.64 -17.03 -29.81
C VAL B 361 -13.34 -17.98 -30.79
N SER B 362 -12.72 -19.11 -31.14
CA SER B 362 -13.37 -20.14 -31.98
C SER B 362 -14.65 -20.67 -31.30
N ALA B 363 -14.59 -20.92 -29.99
CA ALA B 363 -15.73 -21.47 -29.23
C ALA B 363 -16.89 -20.48 -29.29
N ILE B 364 -16.60 -19.19 -29.09
CA ILE B 364 -17.60 -18.08 -29.12
C ILE B 364 -18.23 -18.02 -30.53
N LEU B 365 -17.38 -17.90 -31.55
CA LEU B 365 -17.82 -17.86 -32.97
C LEU B 365 -18.69 -19.09 -33.24
N HIS B 366 -18.31 -20.27 -32.77
CA HIS B 366 -19.10 -21.52 -33.01
C HIS B 366 -20.46 -21.44 -32.30
N SER B 367 -20.50 -20.87 -31.09
CA SER B 367 -21.72 -20.84 -30.26
C SER B 367 -22.73 -19.88 -30.90
N PHE B 368 -22.26 -18.83 -31.59
CA PHE B 368 -23.13 -17.86 -32.32
C PHE B 368 -23.37 -18.34 -33.76
N GLY B 369 -22.90 -19.54 -34.13
CA GLY B 369 -23.15 -20.20 -35.42
C GLY B 369 -22.31 -19.64 -36.57
N VAL B 370 -21.39 -18.71 -36.32
CA VAL B 370 -20.50 -18.11 -37.35
C VAL B 370 -19.50 -19.17 -37.80
N LEU B 371 -19.01 -19.99 -36.87
CA LEU B 371 -18.13 -21.15 -37.18
C LEU B 371 -18.96 -22.43 -37.03
N GLU B 372 -19.21 -23.15 -38.12
CA GLU B 372 -20.25 -24.21 -38.18
C GLU B 372 -19.75 -25.43 -37.41
N GLU B 373 -18.49 -25.81 -37.66
CA GLU B 373 -17.82 -26.96 -37.00
C GLU B 373 -17.36 -26.54 -35.59
N ARG B 374 -17.71 -27.35 -34.58
CA ARG B 374 -17.12 -27.27 -33.21
C ARG B 374 -15.60 -27.31 -33.32
N PRO B 375 -14.89 -26.28 -32.82
CA PRO B 375 -13.42 -26.32 -32.85
C PRO B 375 -12.82 -27.43 -31.98
N GLU B 376 -11.58 -27.84 -32.26
CA GLU B 376 -10.87 -28.95 -31.58
C GLU B 376 -10.33 -28.47 -30.23
N PRO B 377 -10.47 -29.28 -29.17
CA PRO B 377 -10.06 -28.90 -27.82
C PRO B 377 -8.54 -28.96 -27.65
N PHE B 378 -8.04 -28.28 -26.62
CA PHE B 378 -6.62 -28.37 -26.19
C PHE B 378 -6.39 -29.78 -25.63
N HIS B 379 -5.20 -30.33 -25.94
CA HIS B 379 -4.70 -31.74 -25.85
C HIS B 379 -5.77 -32.69 -25.33
C1 PEG C . -15.98 25.94 -12.20
O1 PEG C . -17.03 25.22 -11.56
C2 PEG C . -16.02 25.83 -13.71
O2 PEG C . -14.80 26.29 -14.28
C3 PEG C . -14.91 27.32 -15.27
C4 PEG C . -15.13 28.68 -14.66
O4 PEG C . -15.86 28.64 -13.43
C1 PEG D . -19.80 -9.66 -40.76
O1 PEG D . -19.17 -10.47 -41.75
C2 PEG D . -19.68 -8.19 -41.05
O2 PEG D . -18.65 -7.96 -42.02
C3 PEG D . -19.07 -7.22 -43.16
C4 PEG D . -18.28 -7.64 -44.39
O4 PEG D . -18.34 -9.05 -44.65
#